data_2EM7
#
_entry.id   2EM7
#
loop_
_entity.id
_entity.type
_entity.pdbx_description
1 polymer 'Zinc finger protein 224'
2 non-polymer 'ZINC ION'
#
_entity_poly.entity_id   1
_entity_poly.type   'polypeptide(L)'
_entity_poly.pdbx_seq_one_letter_code
;GSSGSSGTGEKPYKCEECGKGFICRRDLYTHHMVHTGEKPSGPSSG
;
_entity_poly.pdbx_strand_id   A
#
loop_
_chem_comp.id
_chem_comp.type
_chem_comp.name
_chem_comp.formula
ZN non-polymer 'ZINC ION' 'Zn 2'
#
# COMPACT_ATOMS: atom_id res chain seq x y z
N GLY A 1 -19.39 6.45 -0.46
CA GLY A 1 -19.19 7.06 -1.76
C GLY A 1 -18.83 6.04 -2.82
N SER A 2 -17.54 5.76 -2.96
CA SER A 2 -17.05 4.80 -3.94
C SER A 2 -18.04 3.64 -4.10
N SER A 3 -18.08 3.06 -5.29
CA SER A 3 -18.98 1.95 -5.58
C SER A 3 -18.69 0.77 -4.66
N GLY A 4 -19.71 0.31 -3.95
CA GLY A 4 -19.55 -0.82 -3.05
C GLY A 4 -20.66 -1.83 -3.17
N SER A 5 -20.37 -2.94 -3.83
CA SER A 5 -21.37 -4.00 -4.03
C SER A 5 -20.73 -5.37 -3.86
N SER A 6 -21.56 -6.37 -3.56
CA SER A 6 -21.09 -7.74 -3.36
C SER A 6 -20.53 -8.30 -4.67
N GLY A 7 -19.30 -8.82 -4.60
CA GLY A 7 -18.67 -9.39 -5.77
C GLY A 7 -17.31 -10.00 -5.47
N THR A 8 -16.25 -9.28 -5.83
CA THR A 8 -14.89 -9.75 -5.60
C THR A 8 -14.48 -9.54 -4.15
N GLY A 9 -13.48 -10.28 -3.71
CA GLY A 9 -13.00 -10.16 -2.34
C GLY A 9 -12.05 -8.98 -2.17
N GLU A 10 -12.20 -8.27 -1.05
CA GLU A 10 -11.35 -7.12 -0.77
C GLU A 10 -10.75 -7.22 0.63
N LYS A 11 -9.44 -6.95 0.73
CA LYS A 11 -8.75 -7.02 2.00
C LYS A 11 -9.40 -6.08 3.02
N PRO A 12 -9.42 -6.51 4.30
CA PRO A 12 -10.01 -5.73 5.38
C PRO A 12 -9.18 -4.49 5.71
N TYR A 13 -7.87 -4.56 5.43
CA TYR A 13 -6.98 -3.44 5.70
C TYR A 13 -6.15 -3.10 4.47
N LYS A 14 -6.34 -1.90 3.94
CA LYS A 14 -5.62 -1.45 2.76
C LYS A 14 -4.90 -0.13 3.03
N CYS A 15 -3.65 -0.04 2.58
CA CYS A 15 -2.86 1.16 2.77
C CYS A 15 -3.55 2.38 2.16
N GLU A 16 -3.74 3.41 2.98
CA GLU A 16 -4.39 4.64 2.52
C GLU A 16 -3.38 5.59 1.87
N GLU A 17 -2.15 5.12 1.74
CA GLU A 17 -1.10 5.93 1.15
C GLU A 17 -0.90 5.57 -0.32
N CYS A 18 -0.77 4.27 -0.60
CA CYS A 18 -0.58 3.80 -1.96
C CYS A 18 -1.79 3.00 -2.43
N GLY A 19 -2.33 2.17 -1.54
CA GLY A 19 -3.48 1.35 -1.89
C GLY A 19 -3.14 -0.12 -1.97
N LYS A 20 -2.43 -0.62 -0.97
CA LYS A 20 -2.04 -2.03 -0.92
C LYS A 20 -2.92 -2.81 0.05
N GLY A 21 -3.55 -3.87 -0.46
CA GLY A 21 -4.41 -4.69 0.39
C GLY A 21 -3.64 -5.73 1.16
N PHE A 22 -4.00 -5.93 2.42
CA PHE A 22 -3.33 -6.92 3.28
C PHE A 22 -4.36 -7.67 4.12
N ILE A 23 -4.09 -8.95 4.34
CA ILE A 23 -4.98 -9.79 5.13
C ILE A 23 -4.72 -9.61 6.63
N CYS A 24 -3.70 -8.83 6.95
CA CYS A 24 -3.34 -8.56 8.34
C CYS A 24 -3.07 -7.08 8.56
N ARG A 25 -3.74 -6.51 9.57
CA ARG A 25 -3.57 -5.10 9.87
C ARG A 25 -2.14 -4.81 10.32
N ARG A 26 -1.50 -5.80 10.93
CA ARG A 26 -0.13 -5.64 11.40
C ARG A 26 0.83 -5.41 10.23
N ASP A 27 0.77 -6.29 9.25
CA ASP A 27 1.63 -6.18 8.07
C ASP A 27 1.50 -4.80 7.44
N LEU A 28 0.28 -4.37 7.19
CA LEU A 28 0.02 -3.07 6.59
C LEU A 28 0.86 -1.99 7.26
N TYR A 29 0.68 -1.84 8.57
CA TYR A 29 1.42 -0.84 9.33
C TYR A 29 2.91 -0.90 9.00
N THR A 30 3.48 -2.10 9.07
CA THR A 30 4.90 -2.29 8.78
C THR A 30 5.29 -1.61 7.47
N HIS A 31 4.52 -1.85 6.43
CA HIS A 31 4.79 -1.26 5.12
C HIS A 31 4.74 0.26 5.20
N HIS A 32 3.91 0.78 6.10
CA HIS A 32 3.76 2.21 6.27
C HIS A 32 5.13 2.88 6.48
N MET A 33 6.13 2.07 6.82
CA MET A 33 7.48 2.57 7.04
C MET A 33 8.02 3.25 5.78
N VAL A 34 7.85 2.58 4.65
CA VAL A 34 8.33 3.11 3.37
C VAL A 34 7.62 4.42 3.02
N HIS A 35 6.53 4.70 3.73
CA HIS A 35 5.76 5.92 3.50
C HIS A 35 6.26 7.05 4.39
N THR A 36 6.85 6.69 5.52
CA THR A 36 7.36 7.67 6.47
C THR A 36 8.77 8.13 6.08
N GLY A 37 9.13 7.90 4.83
CA GLY A 37 10.45 8.29 4.35
C GLY A 37 10.40 8.89 2.96
N GLU A 38 9.40 9.73 2.71
CA GLU A 38 9.25 10.37 1.41
C GLU A 38 10.58 10.97 0.94
N LYS A 39 10.66 11.27 -0.35
CA LYS A 39 11.87 11.84 -0.93
C LYS A 39 11.53 13.02 -1.82
N PRO A 40 11.30 14.19 -1.21
CA PRO A 40 10.97 15.42 -1.94
C PRO A 40 12.16 15.96 -2.74
N SER A 41 13.29 15.29 -2.63
CA SER A 41 14.51 15.70 -3.33
C SER A 41 14.87 14.69 -4.42
N GLY A 42 14.21 14.81 -5.57
CA GLY A 42 14.48 13.91 -6.68
C GLY A 42 13.62 14.21 -7.89
N PRO A 43 13.76 13.38 -8.93
CA PRO A 43 13.01 13.54 -10.18
C PRO A 43 11.53 13.23 -10.00
N SER A 44 11.16 12.77 -8.81
CA SER A 44 9.77 12.43 -8.51
C SER A 44 8.82 13.39 -9.23
N SER A 45 9.11 14.67 -9.15
CA SER A 45 8.28 15.69 -9.78
C SER A 45 6.79 15.41 -9.52
N GLY A 46 6.47 15.04 -8.28
CA GLY A 46 5.10 14.75 -7.93
C GLY A 46 4.64 13.41 -8.43
ZN ZN B . 1.43 2.07 1.15
N GLY A 1 -9.73 -3.03 -20.49
CA GLY A 1 -8.34 -3.26 -20.13
C GLY A 1 -7.49 -3.64 -21.32
N SER A 2 -6.34 -2.98 -21.46
CA SER A 2 -5.44 -3.27 -22.58
C SER A 2 -4.13 -3.89 -22.07
N SER A 3 -3.60 -3.33 -20.99
CA SER A 3 -2.36 -3.82 -20.41
C SER A 3 -2.45 -3.87 -18.89
N GLY A 4 -1.41 -4.40 -18.26
CA GLY A 4 -1.39 -4.49 -16.82
C GLY A 4 -2.62 -5.16 -16.26
N SER A 5 -2.78 -6.45 -16.55
CA SER A 5 -3.93 -7.21 -16.07
C SER A 5 -3.54 -8.10 -14.90
N SER A 6 -2.62 -9.02 -15.12
CA SER A 6 -2.16 -9.94 -14.09
C SER A 6 -2.07 -9.22 -12.74
N GLY A 7 -2.89 -9.66 -11.79
CA GLY A 7 -2.89 -9.05 -10.47
C GLY A 7 -4.27 -8.98 -9.86
N THR A 8 -4.59 -9.96 -9.00
CA THR A 8 -5.89 -10.01 -8.35
C THR A 8 -5.74 -10.29 -6.86
N GLY A 9 -6.76 -9.93 -6.09
CA GLY A 9 -6.72 -10.15 -4.65
C GLY A 9 -7.67 -9.24 -3.91
N GLU A 10 -8.34 -9.78 -2.88
CA GLU A 10 -9.29 -9.01 -2.09
C GLU A 10 -8.92 -9.08 -0.61
N LYS A 11 -8.21 -8.06 -0.13
CA LYS A 11 -7.80 -8.00 1.26
C LYS A 11 -8.78 -7.17 2.08
N PRO A 12 -8.95 -7.54 3.36
CA PRO A 12 -9.85 -6.84 4.28
C PRO A 12 -9.34 -5.45 4.65
N TYR A 13 -8.02 -5.29 4.63
CA TYR A 13 -7.42 -4.01 4.96
C TYR A 13 -6.76 -3.38 3.73
N LYS A 14 -6.79 -2.05 3.67
CA LYS A 14 -6.21 -1.33 2.55
C LYS A 14 -5.38 -0.14 3.04
N CYS A 15 -4.31 0.17 2.31
CA CYS A 15 -3.45 1.29 2.67
C CYS A 15 -4.06 2.62 2.25
N GLU A 16 -3.59 3.71 2.84
CA GLU A 16 -4.09 5.04 2.53
C GLU A 16 -3.05 5.85 1.75
N GLU A 17 -1.78 5.47 1.89
CA GLU A 17 -0.70 6.15 1.20
C GLU A 17 -0.68 5.80 -0.28
N CYS A 18 -0.83 4.52 -0.58
CA CYS A 18 -0.85 4.05 -1.97
C CYS A 18 -2.15 3.31 -2.28
N GLY A 19 -2.65 2.58 -1.29
CA GLY A 19 -3.88 1.83 -1.49
C GLY A 19 -3.67 0.33 -1.51
N LYS A 20 -2.46 -0.09 -1.13
CA LYS A 20 -2.11 -1.51 -1.11
C LYS A 20 -3.11 -2.29 -0.25
N GLY A 21 -2.90 -3.60 -0.17
CA GLY A 21 -3.79 -4.43 0.62
C GLY A 21 -3.02 -5.38 1.53
N PHE A 22 -3.60 -5.66 2.69
CA PHE A 22 -2.97 -6.56 3.66
C PHE A 22 -4.01 -7.41 4.37
N ILE A 23 -3.73 -8.71 4.47
CA ILE A 23 -4.65 -9.63 5.13
C ILE A 23 -4.82 -9.29 6.61
N CYS A 24 -3.77 -8.72 7.20
CA CYS A 24 -3.80 -8.34 8.61
C CYS A 24 -3.28 -6.92 8.79
N ARG A 25 -3.46 -6.39 10.00
CA ARG A 25 -3.01 -5.04 10.31
C ARG A 25 -1.50 -5.00 10.53
N ARG A 26 -1.02 -5.88 11.41
CA ARG A 26 0.40 -5.95 11.72
C ARG A 26 1.24 -5.65 10.48
N ASP A 27 0.96 -6.34 9.39
CA ASP A 27 1.69 -6.15 8.15
C ASP A 27 1.46 -4.74 7.60
N LEU A 28 0.23 -4.26 7.71
CA LEU A 28 -0.11 -2.93 7.23
C LEU A 28 0.71 -1.86 7.94
N TYR A 29 0.56 -1.77 9.26
CA TYR A 29 1.28 -0.79 10.06
C TYR A 29 2.74 -0.73 9.63
N THR A 30 3.35 -1.90 9.42
CA THR A 30 4.75 -1.97 9.02
C THR A 30 4.96 -1.31 7.66
N HIS A 31 4.07 -1.61 6.72
CA HIS A 31 4.16 -1.05 5.37
C HIS A 31 4.40 0.46 5.44
N HIS A 32 3.61 1.15 6.26
CA HIS A 32 3.74 2.60 6.41
C HIS A 32 5.21 3.02 6.42
N MET A 33 6.07 2.09 6.82
CA MET A 33 7.51 2.36 6.89
C MET A 33 8.03 2.80 5.53
N VAL A 34 7.74 2.01 4.50
CA VAL A 34 8.18 2.31 3.14
C VAL A 34 7.59 3.63 2.65
N HIS A 35 6.63 4.15 3.41
CA HIS A 35 5.98 5.41 3.05
C HIS A 35 6.61 6.59 3.80
N THR A 36 7.11 6.31 4.99
CA THR A 36 7.74 7.34 5.81
C THR A 36 9.16 7.61 5.35
N GLY A 37 9.83 6.57 4.85
CA GLY A 37 11.19 6.72 4.38
C GLY A 37 12.21 6.56 5.49
N GLU A 38 12.07 5.49 6.27
CA GLU A 38 12.98 5.23 7.38
C GLU A 38 14.04 4.19 6.98
N LYS A 39 14.48 4.26 5.73
CA LYS A 39 15.50 3.34 5.23
C LYS A 39 16.60 4.09 4.51
N PRO A 40 17.84 3.59 4.64
CA PRO A 40 19.02 4.19 4.02
C PRO A 40 19.01 4.03 2.49
N SER A 41 19.88 4.79 1.82
CA SER A 41 19.96 4.74 0.37
C SER A 41 19.92 3.30 -0.13
N GLY A 42 19.22 3.09 -1.24
CA GLY A 42 19.11 1.75 -1.80
C GLY A 42 18.30 1.72 -3.08
N PRO A 43 17.76 0.54 -3.42
CA PRO A 43 16.95 0.36 -4.62
C PRO A 43 15.60 1.05 -4.52
N SER A 44 15.12 1.58 -5.65
CA SER A 44 13.84 2.27 -5.68
C SER A 44 12.75 1.35 -6.22
N SER A 45 11.49 1.75 -6.02
CA SER A 45 10.35 0.96 -6.48
C SER A 45 10.32 -0.40 -5.78
N GLY A 46 10.60 -0.40 -4.48
CA GLY A 46 10.59 -1.65 -3.73
C GLY A 46 9.51 -1.67 -2.67
ZN ZN B . 0.99 2.13 1.07
N GLY A 1 -2.63 7.90 -17.64
CA GLY A 1 -1.67 6.83 -17.82
C GLY A 1 -2.29 5.56 -18.37
N SER A 2 -2.69 4.66 -17.47
CA SER A 2 -3.31 3.41 -17.88
C SER A 2 -4.36 2.96 -16.87
N SER A 3 -5.51 2.51 -17.37
CA SER A 3 -6.60 2.07 -16.51
C SER A 3 -7.07 0.68 -16.92
N GLY A 4 -6.73 -0.32 -16.11
CA GLY A 4 -7.14 -1.69 -16.42
C GLY A 4 -7.46 -2.48 -15.16
N SER A 5 -6.42 -2.85 -14.41
CA SER A 5 -6.60 -3.62 -13.19
C SER A 5 -7.60 -2.95 -12.26
N SER A 6 -8.84 -3.43 -12.29
CA SER A 6 -9.90 -2.86 -11.45
C SER A 6 -9.73 -3.32 -10.00
N GLY A 7 -9.62 -4.63 -9.81
CA GLY A 7 -9.47 -5.17 -8.46
C GLY A 7 -10.57 -6.15 -8.11
N THR A 8 -10.17 -7.35 -7.67
CA THR A 8 -11.13 -8.38 -7.29
C THR A 8 -10.79 -8.97 -5.93
N GLY A 9 -9.50 -9.06 -5.64
CA GLY A 9 -9.07 -9.61 -4.36
C GLY A 9 -9.07 -8.58 -3.25
N GLU A 10 -10.24 -8.01 -2.98
CA GLU A 10 -10.37 -6.99 -1.94
C GLU A 10 -9.79 -7.50 -0.62
N LYS A 11 -9.33 -6.56 0.20
CA LYS A 11 -8.75 -6.90 1.50
C LYS A 11 -9.38 -6.07 2.61
N PRO A 12 -9.43 -6.65 3.82
CA PRO A 12 -10.00 -5.97 5.00
C PRO A 12 -9.13 -4.82 5.48
N TYR A 13 -7.88 -4.80 5.04
CA TYR A 13 -6.95 -3.75 5.43
C TYR A 13 -6.03 -3.38 4.28
N LYS A 14 -6.14 -2.14 3.82
CA LYS A 14 -5.32 -1.66 2.71
C LYS A 14 -4.74 -0.28 3.02
N CYS A 15 -3.54 -0.02 2.53
CA CYS A 15 -2.89 1.26 2.75
C CYS A 15 -3.79 2.42 2.33
N GLU A 16 -3.86 3.44 3.17
CA GLU A 16 -4.68 4.61 2.89
C GLU A 16 -3.84 5.73 2.29
N GLU A 17 -2.68 5.38 1.77
CA GLU A 17 -1.78 6.37 1.17
C GLU A 17 -1.54 6.05 -0.31
N CYS A 18 -1.45 4.77 -0.63
CA CYS A 18 -1.23 4.33 -2.00
C CYS A 18 -2.20 3.22 -2.39
N GLY A 19 -2.56 2.38 -1.42
CA GLY A 19 -3.48 1.29 -1.68
C GLY A 19 -2.79 0.10 -2.30
N LYS A 20 -2.46 -0.89 -1.47
CA LYS A 20 -1.80 -2.10 -1.95
C LYS A 20 -2.54 -3.34 -1.48
N GLY A 21 -3.03 -3.31 -0.25
CA GLY A 21 -3.75 -4.45 0.29
C GLY A 21 -2.90 -5.26 1.27
N PHE A 22 -3.47 -5.59 2.41
CA PHE A 22 -2.77 -6.37 3.43
C PHE A 22 -3.73 -7.32 4.14
N ILE A 23 -3.37 -8.60 4.16
CA ILE A 23 -4.19 -9.61 4.80
C ILE A 23 -3.82 -9.77 6.27
N CYS A 24 -3.33 -8.68 6.87
CA CYS A 24 -2.95 -8.68 8.27
C CYS A 24 -2.84 -7.26 8.81
N ARG A 25 -3.62 -6.97 9.85
CA ARG A 25 -3.62 -5.64 10.45
C ARG A 25 -2.20 -5.17 10.71
N ARG A 26 -1.44 -5.96 11.47
CA ARG A 26 -0.06 -5.62 11.79
C ARG A 26 0.75 -5.36 10.52
N ASP A 27 0.65 -6.28 9.57
CA ASP A 27 1.37 -6.15 8.30
C ASP A 27 1.19 -4.76 7.72
N LEU A 28 -0.06 -4.31 7.64
CA LEU A 28 -0.36 -2.99 7.10
C LEU A 28 0.54 -1.92 7.70
N TYR A 29 0.42 -1.72 9.01
CA TYR A 29 1.23 -0.74 9.71
C TYR A 29 2.69 -0.82 9.27
N THR A 30 3.19 -2.04 9.13
CA THR A 30 4.58 -2.25 8.72
C THR A 30 4.88 -1.53 7.42
N HIS A 31 3.92 -1.57 6.49
CA HIS A 31 4.09 -0.91 5.19
C HIS A 31 4.37 0.58 5.38
N HIS A 32 3.78 1.17 6.42
CA HIS A 32 3.98 2.59 6.70
C HIS A 32 5.46 2.95 6.69
N MET A 33 6.31 1.94 6.83
CA MET A 33 7.75 2.15 6.84
C MET A 33 8.22 2.79 5.54
N VAL A 34 7.95 2.13 4.43
CA VAL A 34 8.34 2.64 3.12
C VAL A 34 7.68 3.99 2.83
N HIS A 35 6.71 4.35 3.66
CA HIS A 35 6.00 5.62 3.50
C HIS A 35 6.56 6.67 4.46
N THR A 36 7.78 6.45 4.93
CA THR A 36 8.42 7.38 5.85
C THR A 36 9.31 8.36 5.10
N GLY A 37 9.84 7.93 3.96
CA GLY A 37 10.70 8.78 3.17
C GLY A 37 10.52 8.57 1.68
N GLU A 38 11.61 8.35 0.97
CA GLU A 38 11.57 8.14 -0.47
C GLU A 38 10.93 6.79 -0.81
N LYS A 39 10.27 6.72 -1.96
CA LYS A 39 9.62 5.49 -2.39
C LYS A 39 10.59 4.61 -3.18
N PRO A 40 10.39 3.29 -3.08
CA PRO A 40 11.23 2.31 -3.79
C PRO A 40 11.02 2.33 -5.29
N SER A 41 12.11 2.31 -6.04
CA SER A 41 12.04 2.34 -7.50
C SER A 41 10.86 1.51 -8.00
N GLY A 42 10.05 2.10 -8.88
CA GLY A 42 8.90 1.41 -9.41
C GLY A 42 7.71 1.47 -8.49
N PRO A 43 7.00 2.60 -8.51
CA PRO A 43 5.80 2.80 -7.67
C PRO A 43 4.63 1.95 -8.11
N SER A 44 4.59 0.70 -7.63
CA SER A 44 3.53 -0.22 -7.98
C SER A 44 2.32 -0.02 -7.07
N SER A 45 1.31 0.67 -7.57
CA SER A 45 0.10 0.92 -6.80
C SER A 45 -1.13 0.39 -7.52
N GLY A 46 -2.00 -0.30 -6.79
CA GLY A 46 -3.21 -0.85 -7.38
C GLY A 46 -4.24 -1.22 -6.33
ZN ZN B . 1.27 2.62 0.84
N GLY A 1 -4.55 -7.58 -19.18
CA GLY A 1 -4.10 -8.37 -18.04
C GLY A 1 -5.25 -9.05 -17.32
N SER A 2 -5.06 -10.33 -17.01
CA SER A 2 -6.09 -11.10 -16.32
C SER A 2 -5.95 -10.95 -14.80
N SER A 3 -5.68 -9.73 -14.37
CA SER A 3 -5.53 -9.44 -12.94
C SER A 3 -6.75 -9.91 -12.16
N GLY A 4 -7.90 -9.34 -12.49
CA GLY A 4 -9.13 -9.71 -11.80
C GLY A 4 -9.99 -10.66 -12.62
N SER A 5 -10.40 -11.77 -12.01
CA SER A 5 -11.22 -12.76 -12.69
C SER A 5 -12.52 -13.00 -11.93
N SER A 6 -12.40 -13.32 -10.64
CA SER A 6 -13.56 -13.59 -9.81
C SER A 6 -13.18 -13.56 -8.33
N GLY A 7 -13.73 -12.60 -7.60
CA GLY A 7 -13.44 -12.49 -6.18
C GLY A 7 -11.96 -12.26 -5.91
N THR A 8 -11.37 -13.16 -5.13
CA THR A 8 -9.95 -13.06 -4.79
C THR A 8 -9.54 -11.60 -4.59
N GLY A 9 -10.41 -10.83 -3.96
CA GLY A 9 -10.11 -9.43 -3.71
C GLY A 9 -10.86 -8.88 -2.51
N GLU A 10 -10.97 -7.55 -2.43
CA GLU A 10 -11.66 -6.90 -1.32
C GLU A 10 -10.96 -7.20 0.00
N LYS A 11 -9.67 -6.90 0.06
CA LYS A 11 -8.88 -7.13 1.27
C LYS A 11 -9.55 -6.49 2.47
N PRO A 12 -9.30 -7.07 3.66
CA PRO A 12 -9.87 -6.56 4.92
C PRO A 12 -9.26 -5.23 5.33
N TYR A 13 -8.01 -5.01 4.95
CA TYR A 13 -7.31 -3.77 5.29
C TYR A 13 -6.47 -3.29 4.11
N LYS A 14 -6.65 -2.02 3.75
CA LYS A 14 -5.91 -1.43 2.64
C LYS A 14 -5.13 -0.20 3.10
N CYS A 15 -4.00 0.04 2.45
CA CYS A 15 -3.17 1.19 2.79
C CYS A 15 -3.81 2.49 2.35
N GLU A 16 -3.50 3.58 3.05
CA GLU A 16 -4.06 4.89 2.72
C GLU A 16 -3.10 5.68 1.83
N GLU A 17 -1.80 5.49 2.07
CA GLU A 17 -0.78 6.19 1.29
C GLU A 17 -0.87 5.82 -0.18
N CYS A 18 -1.02 4.52 -0.45
CA CYS A 18 -1.11 4.04 -1.83
C CYS A 18 -2.24 3.03 -1.97
N GLY A 19 -2.45 2.23 -0.93
CA GLY A 19 -3.51 1.23 -0.96
C GLY A 19 -3.15 0.04 -1.83
N LYS A 20 -2.46 -0.93 -1.23
CA LYS A 20 -2.05 -2.13 -1.95
C LYS A 20 -2.94 -3.31 -1.57
N GLY A 21 -3.26 -3.41 -0.28
CA GLY A 21 -4.10 -4.51 0.18
C GLY A 21 -3.34 -5.50 1.04
N PHE A 22 -3.79 -5.68 2.28
CA PHE A 22 -3.15 -6.60 3.20
C PHE A 22 -4.18 -7.41 3.97
N ILE A 23 -3.73 -8.50 4.58
CA ILE A 23 -4.62 -9.37 5.35
C ILE A 23 -4.58 -9.01 6.84
N CYS A 24 -3.38 -9.02 7.41
CA CYS A 24 -3.21 -8.69 8.82
C CYS A 24 -2.90 -7.21 9.00
N ARG A 25 -3.40 -6.64 10.09
CA ARG A 25 -3.17 -5.23 10.38
C ARG A 25 -1.69 -4.93 10.54
N ARG A 26 -1.05 -5.65 11.47
CA ARG A 26 0.37 -5.45 11.72
C ARG A 26 1.13 -5.21 10.42
N ASP A 27 0.83 -6.01 9.41
CA ASP A 27 1.48 -5.87 8.10
C ASP A 27 1.30 -4.47 7.55
N LEU A 28 0.05 -4.00 7.55
CA LEU A 28 -0.27 -2.67 7.03
C LEU A 28 0.64 -1.62 7.65
N TYR A 29 0.52 -1.46 8.97
CA TYR A 29 1.33 -0.47 9.69
C TYR A 29 2.80 -0.59 9.28
N THR A 30 3.30 -1.81 9.24
CA THR A 30 4.70 -2.06 8.87
C THR A 30 5.02 -1.45 7.52
N HIS A 31 4.21 -1.77 6.52
CA HIS A 31 4.42 -1.25 5.17
C HIS A 31 4.56 0.27 5.19
N HIS A 32 3.78 0.92 6.04
CA HIS A 32 3.82 2.38 6.16
C HIS A 32 5.25 2.87 6.35
N MET A 33 6.13 1.96 6.74
CA MET A 33 7.54 2.31 6.95
C MET A 33 8.15 2.87 5.67
N VAL A 34 7.82 2.27 4.54
CA VAL A 34 8.34 2.72 3.25
C VAL A 34 7.73 4.06 2.86
N HIS A 35 6.60 4.39 3.47
CA HIS A 35 5.92 5.65 3.18
C HIS A 35 6.47 6.79 4.05
N THR A 36 6.95 6.43 5.24
CA THR A 36 7.50 7.41 6.16
C THR A 36 9.00 7.21 6.33
N GLY A 37 9.62 6.54 5.37
CA GLY A 37 11.05 6.30 5.44
C GLY A 37 11.82 7.07 4.39
N GLU A 38 13.10 7.32 4.66
CA GLU A 38 13.94 8.06 3.73
C GLU A 38 15.27 7.34 3.51
N LYS A 39 15.20 6.04 3.24
CA LYS A 39 16.40 5.25 3.01
C LYS A 39 16.37 4.61 1.63
N PRO A 40 17.55 4.51 0.99
CA PRO A 40 17.68 3.91 -0.34
C PRO A 40 17.45 2.41 -0.34
N SER A 41 16.20 2.01 -0.56
CA SER A 41 15.84 0.59 -0.57
C SER A 41 15.08 0.25 -1.85
N GLY A 42 15.50 -0.83 -2.50
CA GLY A 42 14.84 -1.25 -3.73
C GLY A 42 13.34 -1.07 -3.68
N PRO A 43 12.74 -0.76 -4.83
CA PRO A 43 11.29 -0.54 -4.95
C PRO A 43 10.50 -1.84 -4.77
N SER A 44 9.18 -1.71 -4.72
CA SER A 44 8.30 -2.87 -4.54
C SER A 44 8.19 -3.65 -5.84
N SER A 45 7.54 -4.81 -5.77
CA SER A 45 7.36 -5.67 -6.93
C SER A 45 7.20 -4.83 -8.20
N GLY A 46 6.32 -3.85 -8.13
CA GLY A 46 6.08 -2.99 -9.28
C GLY A 46 4.81 -2.17 -9.14
ZN ZN B . 1.07 2.18 0.90
N GLY A 1 -1.37 -8.90 -25.89
CA GLY A 1 -0.56 -8.00 -25.09
C GLY A 1 -1.28 -7.50 -23.86
N SER A 2 -1.41 -8.38 -22.86
CA SER A 2 -2.10 -8.02 -21.62
C SER A 2 -1.35 -8.59 -20.41
N SER A 3 -1.68 -8.08 -19.23
CA SER A 3 -1.05 -8.53 -18.00
C SER A 3 -1.86 -9.64 -17.34
N GLY A 4 -1.27 -10.28 -16.34
CA GLY A 4 -1.95 -11.37 -15.65
C GLY A 4 -3.18 -10.90 -14.91
N SER A 5 -4.23 -11.70 -14.95
CA SER A 5 -5.48 -11.36 -14.28
C SER A 5 -5.22 -10.85 -12.86
N SER A 6 -6.15 -10.05 -12.33
CA SER A 6 -6.01 -9.50 -11.00
C SER A 6 -7.39 -9.34 -10.34
N GLY A 7 -7.38 -9.12 -9.02
CA GLY A 7 -8.62 -8.97 -8.30
C GLY A 7 -8.60 -9.67 -6.95
N THR A 8 -8.68 -10.99 -6.98
CA THR A 8 -8.69 -11.79 -5.76
C THR A 8 -9.56 -11.15 -4.68
N GLY A 9 -10.73 -10.67 -5.10
CA GLY A 9 -11.65 -10.05 -4.17
C GLY A 9 -11.10 -8.75 -3.59
N GLU A 10 -11.02 -8.70 -2.26
CA GLU A 10 -10.51 -7.51 -1.58
C GLU A 10 -10.08 -7.85 -0.15
N LYS A 11 -9.18 -7.03 0.39
CA LYS A 11 -8.67 -7.24 1.74
C LYS A 11 -9.43 -6.37 2.74
N PRO A 12 -9.50 -6.83 4.00
CA PRO A 12 -10.19 -6.11 5.07
C PRO A 12 -9.45 -4.84 5.47
N TYR A 13 -8.17 -4.76 5.13
CA TYR A 13 -7.36 -3.59 5.46
C TYR A 13 -6.45 -3.22 4.29
N LYS A 14 -6.60 -2.00 3.81
CA LYS A 14 -5.79 -1.51 2.69
C LYS A 14 -5.01 -0.26 3.09
N CYS A 15 -3.88 -0.04 2.42
CA CYS A 15 -3.04 1.11 2.70
C CYS A 15 -3.70 2.41 2.23
N GLU A 16 -3.48 3.49 2.99
CA GLU A 16 -4.07 4.78 2.64
C GLU A 16 -3.08 5.62 1.84
N GLU A 17 -1.79 5.37 2.03
CA GLU A 17 -0.75 6.10 1.32
C GLU A 17 -0.79 5.78 -0.17
N CYS A 18 -0.84 4.50 -0.50
CA CYS A 18 -0.88 4.06 -1.88
C CYS A 18 -2.00 3.06 -2.11
N GLY A 19 -2.20 2.17 -1.13
CA GLY A 19 -3.24 1.17 -1.24
C GLY A 19 -2.76 -0.10 -1.90
N LYS A 20 -2.21 -1.01 -1.10
CA LYS A 20 -1.70 -2.28 -1.61
C LYS A 20 -2.63 -3.43 -1.24
N GLY A 21 -3.14 -3.39 -0.01
CA GLY A 21 -4.04 -4.43 0.46
C GLY A 21 -3.33 -5.47 1.29
N PHE A 22 -3.79 -5.65 2.53
CA PHE A 22 -3.20 -6.63 3.44
C PHE A 22 -4.26 -7.30 4.29
N ILE A 23 -3.91 -8.46 4.85
CA ILE A 23 -4.85 -9.20 5.69
C ILE A 23 -4.62 -8.88 7.17
N CYS A 24 -3.39 -9.06 7.63
CA CYS A 24 -3.04 -8.79 9.02
C CYS A 24 -2.85 -7.30 9.25
N ARG A 25 -3.35 -6.82 10.39
CA ARG A 25 -3.23 -5.41 10.74
C ARG A 25 -1.77 -4.96 10.71
N ARG A 26 -0.92 -5.68 11.42
CA ARG A 26 0.50 -5.36 11.48
C ARG A 26 1.05 -5.07 10.08
N ASP A 27 0.91 -6.04 9.19
CA ASP A 27 1.40 -5.89 7.82
C ASP A 27 1.13 -4.49 7.30
N LEU A 28 -0.13 -4.06 7.36
CA LEU A 28 -0.50 -2.74 6.89
C LEU A 28 0.46 -1.68 7.40
N TYR A 29 0.65 -1.64 8.72
CA TYR A 29 1.55 -0.67 9.34
C TYR A 29 2.99 -0.89 8.86
N THR A 30 3.44 -2.13 8.92
CA THR A 30 4.80 -2.47 8.50
C THR A 30 5.14 -1.82 7.17
N HIS A 31 4.17 -1.81 6.25
CA HIS A 31 4.37 -1.23 4.94
C HIS A 31 4.43 0.30 5.03
N HIS A 32 3.59 0.87 5.90
CA HIS A 32 3.57 2.32 6.08
C HIS A 32 4.96 2.87 6.31
N MET A 33 5.86 2.02 6.78
CA MET A 33 7.24 2.42 7.04
C MET A 33 7.83 3.12 5.82
N VAL A 34 7.83 2.44 4.68
CA VAL A 34 8.36 3.01 3.45
C VAL A 34 7.76 4.37 3.15
N HIS A 35 6.49 4.54 3.53
CA HIS A 35 5.80 5.80 3.31
C HIS A 35 6.28 6.87 4.29
N THR A 36 6.84 6.42 5.40
CA THR A 36 7.35 7.33 6.42
C THR A 36 8.82 7.64 6.21
N GLY A 37 9.28 7.48 4.97
CA GLY A 37 10.68 7.74 4.66
C GLY A 37 10.86 9.00 3.84
N GLU A 38 10.52 8.93 2.56
CA GLU A 38 10.65 10.07 1.67
C GLU A 38 9.30 10.77 1.47
N LYS A 39 9.24 12.05 1.80
CA LYS A 39 8.02 12.82 1.66
C LYS A 39 7.61 12.94 0.19
N PRO A 40 6.32 13.16 -0.05
CA PRO A 40 5.76 13.29 -1.40
C PRO A 40 6.21 14.59 -2.07
N SER A 41 7.11 14.47 -3.03
CA SER A 41 7.62 15.64 -3.76
C SER A 41 6.55 16.22 -4.66
N GLY A 42 6.29 17.52 -4.51
CA GLY A 42 5.29 18.18 -5.32
C GLY A 42 5.33 19.69 -5.19
N PRO A 43 4.86 20.39 -6.23
CA PRO A 43 4.84 21.86 -6.25
C PRO A 43 3.84 22.44 -5.27
N SER A 44 3.19 21.57 -4.51
CA SER A 44 2.19 22.00 -3.53
C SER A 44 1.07 22.77 -4.21
N SER A 45 0.64 22.30 -5.38
CA SER A 45 -0.42 22.95 -6.13
C SER A 45 -1.79 22.64 -5.51
N GLY A 46 -1.97 21.39 -5.11
CA GLY A 46 -3.23 20.98 -4.51
C GLY A 46 -4.17 20.33 -5.51
ZN ZN B . 1.21 2.24 0.79
N GLY A 1 -18.55 9.93 -2.96
CA GLY A 1 -19.60 9.75 -1.97
C GLY A 1 -20.94 9.45 -2.60
N SER A 2 -20.95 8.61 -3.62
CA SER A 2 -22.18 8.24 -4.31
C SER A 2 -22.12 6.81 -4.82
N SER A 3 -23.06 5.98 -4.37
CA SER A 3 -23.12 4.58 -4.77
C SER A 3 -22.65 4.41 -6.21
N GLY A 4 -21.72 3.48 -6.42
CA GLY A 4 -21.20 3.23 -7.75
C GLY A 4 -19.83 2.59 -7.72
N SER A 5 -18.79 3.41 -7.78
CA SER A 5 -17.42 2.91 -7.77
C SER A 5 -17.27 1.76 -6.79
N SER A 6 -16.80 0.62 -7.29
CA SER A 6 -16.63 -0.57 -6.45
C SER A 6 -15.74 -1.60 -7.15
N GLY A 7 -15.09 -2.44 -6.36
CA GLY A 7 -14.22 -3.45 -6.93
C GLY A 7 -12.75 -3.18 -6.66
N THR A 8 -12.24 -2.09 -7.21
CA THR A 8 -10.84 -1.71 -7.03
C THR A 8 -10.40 -1.96 -5.59
N GLY A 9 -9.66 -3.04 -5.36
CA GLY A 9 -9.18 -3.35 -4.04
C GLY A 9 -10.20 -4.14 -3.23
N GLU A 10 -9.87 -5.40 -2.94
CA GLU A 10 -10.77 -6.26 -2.18
C GLU A 10 -10.03 -6.90 -1.00
N LYS A 11 -9.84 -6.13 0.05
CA LYS A 11 -9.14 -6.63 1.24
C LYS A 11 -9.71 -5.99 2.51
N PRO A 12 -9.58 -6.69 3.64
CA PRO A 12 -10.06 -6.22 4.93
C PRO A 12 -9.26 -5.03 5.45
N TYR A 13 -8.03 -4.90 4.99
CA TYR A 13 -7.16 -3.80 5.41
C TYR A 13 -6.19 -3.43 4.29
N LYS A 14 -6.34 -2.20 3.78
CA LYS A 14 -5.47 -1.72 2.71
C LYS A 14 -4.87 -0.35 3.07
N CYS A 15 -3.67 -0.10 2.59
CA CYS A 15 -2.99 1.18 2.86
C CYS A 15 -3.81 2.35 2.34
N GLU A 16 -4.07 3.32 3.21
CA GLU A 16 -4.85 4.50 2.83
C GLU A 16 -3.94 5.57 2.24
N GLU A 17 -2.68 5.22 1.99
CA GLU A 17 -1.73 6.15 1.43
C GLU A 17 -1.49 5.86 -0.06
N CYS A 18 -1.32 4.58 -0.38
CA CYS A 18 -1.09 4.17 -1.76
C CYS A 18 -2.14 3.17 -2.21
N GLY A 19 -2.46 2.22 -1.35
CA GLY A 19 -3.46 1.22 -1.68
C GLY A 19 -2.84 -0.08 -2.19
N LYS A 20 -2.03 -0.71 -1.35
CA LYS A 20 -1.37 -1.96 -1.72
C LYS A 20 -2.27 -3.15 -1.43
N GLY A 21 -2.96 -3.09 -0.29
CA GLY A 21 -3.85 -4.18 0.09
C GLY A 21 -3.18 -5.18 1.01
N PHE A 22 -3.83 -5.45 2.15
CA PHE A 22 -3.29 -6.39 3.13
C PHE A 22 -4.41 -7.18 3.78
N ILE A 23 -4.04 -8.29 4.44
CA ILE A 23 -5.01 -9.13 5.11
C ILE A 23 -5.24 -8.67 6.55
N CYS A 24 -4.15 -8.33 7.22
CA CYS A 24 -4.22 -7.88 8.62
C CYS A 24 -3.69 -6.46 8.75
N ARG A 25 -3.80 -5.90 9.95
CA ARG A 25 -3.33 -4.54 10.21
C ARG A 25 -1.86 -4.54 10.63
N ARG A 26 -1.50 -5.48 11.50
CA ARG A 26 -0.12 -5.58 11.97
C ARG A 26 0.86 -5.48 10.81
N ASP A 27 0.65 -6.29 9.78
CA ASP A 27 1.51 -6.29 8.61
C ASP A 27 1.42 -4.95 7.86
N LEU A 28 0.19 -4.45 7.72
CA LEU A 28 -0.02 -3.19 7.03
C LEU A 28 0.83 -2.07 7.64
N TYR A 29 0.66 -1.85 8.94
CA TYR A 29 1.41 -0.82 9.64
C TYR A 29 2.89 -0.89 9.28
N THR A 30 3.38 -2.11 9.04
CA THR A 30 4.78 -2.31 8.69
C THR A 30 5.12 -1.63 7.36
N HIS A 31 4.20 -1.71 6.41
CA HIS A 31 4.41 -1.11 5.10
C HIS A 31 4.66 0.39 5.23
N HIS A 32 3.85 1.06 6.05
CA HIS A 32 3.99 2.49 6.25
C HIS A 32 5.46 2.90 6.30
N MET A 33 6.30 1.99 6.78
CA MET A 33 7.73 2.25 6.87
C MET A 33 8.26 2.91 5.60
N VAL A 34 7.94 2.29 4.46
CA VAL A 34 8.38 2.82 3.17
C VAL A 34 7.76 4.18 2.89
N HIS A 35 6.60 4.43 3.47
CA HIS A 35 5.90 5.70 3.29
C HIS A 35 6.56 6.80 4.13
N THR A 36 7.11 6.42 5.27
CA THR A 36 7.77 7.37 6.15
C THR A 36 9.13 7.78 5.60
N GLY A 37 9.76 6.88 4.87
CA GLY A 37 11.06 7.18 4.29
C GLY A 37 11.14 8.57 3.69
N GLU A 38 12.12 9.34 4.13
CA GLU A 38 12.29 10.71 3.62
C GLU A 38 12.65 10.70 2.15
N LYS A 39 11.82 11.39 1.35
CA LYS A 39 12.05 11.47 -0.09
C LYS A 39 12.72 12.79 -0.46
N PRO A 40 13.59 12.75 -1.49
CA PRO A 40 14.31 13.94 -1.96
C PRO A 40 13.38 14.93 -2.66
N SER A 41 13.92 16.10 -2.97
CA SER A 41 13.15 17.15 -3.63
C SER A 41 12.40 16.59 -4.83
N GLY A 42 11.08 16.49 -4.70
CA GLY A 42 10.26 15.97 -5.78
C GLY A 42 10.07 16.98 -6.89
N PRO A 43 9.98 16.49 -8.14
CA PRO A 43 9.79 17.34 -9.32
C PRO A 43 8.40 17.96 -9.36
N SER A 44 7.38 17.15 -9.10
CA SER A 44 5.99 17.63 -9.12
C SER A 44 5.44 17.71 -7.70
N SER A 45 4.88 18.86 -7.36
CA SER A 45 4.31 19.08 -6.04
C SER A 45 2.91 18.47 -5.93
N GLY A 46 2.58 17.96 -4.75
CA GLY A 46 1.27 17.36 -4.54
C GLY A 46 0.82 17.44 -3.10
ZN ZN B . 1.14 2.52 1.13
N GLY A 1 -11.74 7.06 -16.92
CA GLY A 1 -10.42 6.47 -16.85
C GLY A 1 -10.43 5.06 -16.30
N SER A 2 -9.25 4.51 -16.04
CA SER A 2 -9.13 3.16 -15.51
C SER A 2 -7.96 3.05 -14.54
N SER A 3 -8.05 2.11 -13.62
CA SER A 3 -7.00 1.90 -12.63
C SER A 3 -7.18 0.57 -11.91
N GLY A 4 -6.07 -0.08 -11.60
CA GLY A 4 -6.12 -1.37 -10.93
C GLY A 4 -4.76 -1.82 -10.44
N SER A 5 -4.73 -2.39 -9.23
CA SER A 5 -3.48 -2.87 -8.65
C SER A 5 -3.49 -4.38 -8.48
N SER A 6 -4.03 -5.08 -9.48
CA SER A 6 -4.11 -6.54 -9.44
C SER A 6 -4.58 -7.01 -8.06
N GLY A 7 -5.54 -6.31 -7.49
CA GLY A 7 -6.05 -6.67 -6.18
C GLY A 7 -6.97 -7.88 -6.23
N THR A 8 -6.40 -9.04 -6.55
CA THR A 8 -7.18 -10.26 -6.64
C THR A 8 -7.61 -10.74 -5.25
N GLY A 9 -8.80 -10.33 -4.84
CA GLY A 9 -9.31 -10.72 -3.53
C GLY A 9 -9.59 -9.54 -2.64
N GLU A 10 -10.75 -9.55 -1.99
CA GLU A 10 -11.14 -8.46 -1.09
C GLU A 10 -10.36 -8.53 0.21
N LYS A 11 -9.37 -7.65 0.35
CA LYS A 11 -8.55 -7.60 1.55
C LYS A 11 -9.29 -6.93 2.70
N PRO A 12 -9.07 -7.42 3.93
CA PRO A 12 -9.71 -6.88 5.12
C PRO A 12 -9.20 -5.49 5.48
N TYR A 13 -7.97 -5.20 5.07
CA TYR A 13 -7.36 -3.90 5.35
C TYR A 13 -6.53 -3.42 4.16
N LYS A 14 -6.54 -2.11 3.94
CA LYS A 14 -5.79 -1.52 2.84
C LYS A 14 -5.12 -0.22 3.27
N CYS A 15 -4.03 0.12 2.60
CA CYS A 15 -3.29 1.33 2.92
C CYS A 15 -4.00 2.57 2.38
N GLU A 16 -3.77 3.71 3.00
CA GLU A 16 -4.39 4.96 2.58
C GLU A 16 -3.45 5.75 1.65
N GLU A 17 -2.16 5.68 1.93
CA GLU A 17 -1.18 6.39 1.12
C GLU A 17 -1.20 5.89 -0.32
N CYS A 18 -1.03 4.58 -0.49
CA CYS A 18 -1.04 3.98 -1.81
C CYS A 18 -2.13 2.93 -1.94
N GLY A 19 -2.37 2.21 -0.84
CA GLY A 19 -3.41 1.19 -0.85
C GLY A 19 -2.96 -0.08 -1.55
N LYS A 20 -1.97 -0.76 -0.98
CA LYS A 20 -1.45 -1.99 -1.56
C LYS A 20 -2.38 -3.16 -1.29
N GLY A 21 -2.89 -3.23 -0.06
CA GLY A 21 -3.80 -4.31 0.30
C GLY A 21 -3.12 -5.38 1.12
N PHE A 22 -3.65 -5.64 2.32
CA PHE A 22 -3.09 -6.66 3.20
C PHE A 22 -4.18 -7.40 3.95
N ILE A 23 -3.80 -8.46 4.65
CA ILE A 23 -4.75 -9.25 5.42
C ILE A 23 -4.61 -8.99 6.92
N CYS A 24 -3.38 -9.01 7.40
CA CYS A 24 -3.10 -8.77 8.80
C CYS A 24 -2.75 -7.30 9.05
N ARG A 25 -3.54 -6.66 9.91
CA ARG A 25 -3.32 -5.25 10.23
C ARG A 25 -1.83 -4.97 10.44
N ARG A 26 -1.16 -5.87 11.16
CA ARG A 26 0.26 -5.72 11.43
C ARG A 26 1.02 -5.30 10.19
N ASP A 27 0.77 -6.00 9.08
CA ASP A 27 1.43 -5.69 7.82
C ASP A 27 1.10 -4.27 7.36
N LEU A 28 -0.19 -3.94 7.36
CA LEU A 28 -0.63 -2.62 6.94
C LEU A 28 0.23 -1.53 7.57
N TYR A 29 0.29 -1.52 8.90
CA TYR A 29 1.09 -0.54 9.62
C TYR A 29 2.56 -0.61 9.22
N THR A 30 3.14 -1.80 9.37
CA THR A 30 4.54 -2.00 9.03
C THR A 30 4.86 -1.40 7.66
N HIS A 31 4.00 -1.62 6.69
CA HIS A 31 4.20 -1.09 5.35
C HIS A 31 4.48 0.40 5.39
N HIS A 32 3.71 1.12 6.20
CA HIS A 32 3.89 2.57 6.33
C HIS A 32 5.36 2.95 6.29
N MET A 33 6.21 2.06 6.81
CA MET A 33 7.65 2.31 6.83
C MET A 33 8.13 2.83 5.47
N VAL A 34 7.75 2.14 4.41
CA VAL A 34 8.14 2.53 3.06
C VAL A 34 7.72 3.96 2.76
N HIS A 35 6.63 4.39 3.39
CA HIS A 35 6.12 5.75 3.19
C HIS A 35 6.88 6.74 4.06
N THR A 36 7.38 6.27 5.20
CA THR A 36 8.13 7.12 6.12
C THR A 36 9.62 7.08 5.82
N GLY A 37 9.96 6.74 4.57
CA GLY A 37 11.36 6.67 4.18
C GLY A 37 12.05 8.01 4.26
N GLU A 38 11.53 8.99 3.52
CA GLU A 38 12.11 10.32 3.50
C GLU A 38 11.01 11.39 3.38
N LYS A 39 11.08 12.39 4.24
CA LYS A 39 10.10 13.48 4.24
C LYS A 39 10.56 14.62 3.35
N PRO A 40 9.61 15.27 2.67
CA PRO A 40 9.90 16.40 1.78
C PRO A 40 10.34 17.64 2.55
N SER A 41 9.56 18.03 3.56
CA SER A 41 9.87 19.19 4.37
C SER A 41 9.93 18.83 5.84
N GLY A 42 11.07 19.13 6.46
CA GLY A 42 11.25 18.83 7.87
C GLY A 42 11.88 17.48 8.09
N PRO A 43 13.23 17.42 8.02
CA PRO A 43 13.97 16.17 8.21
C PRO A 43 13.94 15.70 9.66
N SER A 44 13.04 14.76 9.95
CA SER A 44 12.91 14.22 11.30
C SER A 44 13.93 13.11 11.54
N SER A 45 14.72 13.28 12.61
CA SER A 45 15.74 12.29 12.94
C SER A 45 15.12 11.07 13.61
N GLY A 46 15.77 9.92 13.46
CA GLY A 46 15.26 8.70 14.05
C GLY A 46 16.32 7.97 14.86
ZN ZN B . 0.99 2.51 1.19
N GLY A 1 -17.38 8.26 -9.05
CA GLY A 1 -18.60 8.14 -9.81
C GLY A 1 -18.52 7.07 -10.88
N SER A 2 -19.16 5.93 -10.61
CA SER A 2 -19.15 4.82 -11.57
C SER A 2 -20.29 3.85 -11.27
N SER A 3 -21.15 3.65 -12.26
CA SER A 3 -22.30 2.75 -12.11
C SER A 3 -21.85 1.30 -12.27
N GLY A 4 -22.51 0.41 -11.51
CA GLY A 4 -22.17 -1.00 -11.58
C GLY A 4 -20.69 -1.26 -11.40
N SER A 5 -20.19 -0.98 -10.21
CA SER A 5 -18.77 -1.18 -9.91
C SER A 5 -18.52 -2.59 -9.38
N SER A 6 -17.95 -3.45 -10.23
CA SER A 6 -17.66 -4.82 -9.85
C SER A 6 -16.83 -4.87 -8.58
N GLY A 7 -16.86 -6.01 -7.90
CA GLY A 7 -16.10 -6.17 -6.67
C GLY A 7 -16.10 -7.61 -6.17
N THR A 8 -15.15 -8.39 -6.66
CA THR A 8 -15.04 -9.80 -6.25
C THR A 8 -14.30 -9.93 -4.93
N GLY A 9 -14.74 -9.15 -3.93
CA GLY A 9 -14.12 -9.21 -2.62
C GLY A 9 -13.15 -8.06 -2.40
N GLU A 10 -12.60 -7.99 -1.19
CA GLU A 10 -11.65 -6.93 -0.85
C GLU A 10 -11.05 -7.16 0.54
N LYS A 11 -9.75 -6.93 0.65
CA LYS A 11 -9.05 -7.12 1.91
C LYS A 11 -9.64 -6.23 3.00
N PRO A 12 -9.55 -6.69 4.25
CA PRO A 12 -10.07 -5.95 5.41
C PRO A 12 -9.27 -4.70 5.71
N TYR A 13 -8.00 -4.71 5.33
CA TYR A 13 -7.11 -3.57 5.56
C TYR A 13 -6.45 -3.12 4.27
N LYS A 14 -6.63 -1.85 3.93
CA LYS A 14 -6.04 -1.29 2.72
C LYS A 14 -5.22 -0.05 3.03
N CYS A 15 -4.29 0.28 2.14
CA CYS A 15 -3.43 1.44 2.30
C CYS A 15 -4.03 2.68 1.64
N GLU A 16 -4.04 3.79 2.36
CA GLU A 16 -4.59 5.04 1.83
C GLU A 16 -3.47 5.95 1.32
N GLU A 17 -2.25 5.44 1.34
CA GLU A 17 -1.09 6.20 0.88
C GLU A 17 -0.78 5.89 -0.58
N CYS A 18 -0.80 4.61 -0.92
CA CYS A 18 -0.52 4.17 -2.29
C CYS A 18 -1.66 3.33 -2.83
N GLY A 19 -2.15 2.40 -2.01
CA GLY A 19 -3.24 1.53 -2.43
C GLY A 19 -2.85 0.08 -2.44
N LYS A 20 -2.72 -0.51 -1.26
CA LYS A 20 -2.35 -1.92 -1.15
C LYS A 20 -3.33 -2.67 -0.25
N GLY A 21 -3.36 -3.99 -0.39
CA GLY A 21 -4.26 -4.81 0.41
C GLY A 21 -3.51 -5.76 1.32
N PHE A 22 -3.98 -5.90 2.56
CA PHE A 22 -3.35 -6.79 3.52
C PHE A 22 -4.41 -7.54 4.33
N ILE A 23 -3.99 -8.61 5.00
CA ILE A 23 -4.89 -9.42 5.81
C ILE A 23 -4.79 -9.03 7.28
N CYS A 24 -3.58 -9.08 7.82
CA CYS A 24 -3.37 -8.74 9.22
C CYS A 24 -2.99 -7.27 9.37
N ARG A 25 -3.08 -6.75 10.60
CA ARG A 25 -2.76 -5.36 10.87
C ARG A 25 -1.26 -5.13 10.82
N ARG A 26 -0.51 -5.95 11.55
CA ARG A 26 0.94 -5.84 11.60
C ARG A 26 1.50 -5.53 10.20
N ASP A 27 1.14 -6.35 9.23
CA ASP A 27 1.59 -6.17 7.86
C ASP A 27 1.36 -4.74 7.39
N LEU A 28 0.11 -4.29 7.50
CA LEU A 28 -0.25 -2.94 7.09
C LEU A 28 0.73 -1.91 7.64
N TYR A 29 0.78 -1.80 8.96
CA TYR A 29 1.68 -0.86 9.61
C TYR A 29 3.10 -1.03 9.12
N THR A 30 3.55 -2.29 9.06
CA THR A 30 4.90 -2.59 8.61
C THR A 30 5.21 -1.90 7.28
N HIS A 31 4.20 -1.82 6.41
CA HIS A 31 4.35 -1.19 5.12
C HIS A 31 4.59 0.31 5.26
N HIS A 32 3.67 0.98 5.95
CA HIS A 32 3.78 2.42 6.17
C HIS A 32 5.22 2.83 6.44
N MET A 33 5.98 1.93 7.04
CA MET A 33 7.38 2.18 7.35
C MET A 33 8.07 2.91 6.20
N VAL A 34 7.88 2.39 4.98
CA VAL A 34 8.48 2.98 3.80
C VAL A 34 7.81 4.30 3.43
N HIS A 35 6.54 4.43 3.83
CA HIS A 35 5.78 5.64 3.55
C HIS A 35 6.26 6.81 4.41
N THR A 36 6.66 6.50 5.64
CA THR A 36 7.15 7.52 6.55
C THR A 36 8.68 7.62 6.51
N GLY A 37 9.32 6.51 6.16
CA GLY A 37 10.76 6.49 6.09
C GLY A 37 11.28 6.74 4.68
N GLU A 38 10.97 7.91 4.14
CA GLU A 38 11.41 8.26 2.80
C GLU A 38 11.25 9.77 2.54
N LYS A 39 12.13 10.32 1.72
CA LYS A 39 12.10 11.74 1.41
C LYS A 39 11.44 11.98 0.06
N PRO A 40 10.90 13.19 -0.13
CA PRO A 40 10.24 13.57 -1.39
C PRO A 40 11.22 13.71 -2.55
N SER A 41 11.05 12.86 -3.55
CA SER A 41 11.92 12.89 -4.73
C SER A 41 11.12 13.15 -6.00
N GLY A 42 11.40 14.27 -6.65
CA GLY A 42 10.70 14.61 -7.88
C GLY A 42 11.12 15.95 -8.43
N PRO A 43 10.35 17.01 -8.09
CA PRO A 43 10.64 18.37 -8.55
C PRO A 43 11.89 18.95 -7.91
N SER A 44 12.17 18.54 -6.68
CA SER A 44 13.35 19.01 -5.96
C SER A 44 14.60 18.28 -6.43
N SER A 45 15.73 18.99 -6.42
CA SER A 45 17.00 18.41 -6.84
C SER A 45 17.74 17.79 -5.65
N GLY A 46 17.48 16.50 -5.42
CA GLY A 46 18.12 15.81 -4.31
C GLY A 46 17.73 14.35 -4.24
ZN ZN B . 1.07 2.15 0.94
N GLY A 1 8.26 -1.88 -17.85
CA GLY A 1 7.02 -2.63 -18.01
C GLY A 1 7.02 -3.91 -17.20
N SER A 2 5.99 -4.07 -16.37
CA SER A 2 5.86 -5.26 -15.54
C SER A 2 4.40 -5.69 -15.42
N SER A 3 4.07 -6.82 -16.05
CA SER A 3 2.71 -7.34 -16.01
C SER A 3 2.61 -8.53 -15.08
N GLY A 4 1.57 -8.54 -14.25
CA GLY A 4 1.38 -9.63 -13.31
C GLY A 4 0.08 -9.51 -12.53
N SER A 5 -0.47 -10.65 -12.11
CA SER A 5 -1.72 -10.66 -11.36
C SER A 5 -2.05 -12.07 -10.88
N SER A 6 -2.09 -12.24 -9.57
CA SER A 6 -2.39 -13.55 -8.98
C SER A 6 -3.72 -13.51 -8.22
N GLY A 7 -4.82 -13.65 -8.96
CA GLY A 7 -6.13 -13.62 -8.34
C GLY A 7 -6.22 -12.62 -7.21
N THR A 8 -6.00 -11.36 -7.53
CA THR A 8 -6.05 -10.29 -6.53
C THR A 8 -7.49 -9.92 -6.21
N GLY A 9 -8.00 -10.44 -5.09
CA GLY A 9 -9.36 -10.15 -4.69
C GLY A 9 -9.46 -8.91 -3.81
N GLU A 10 -10.30 -8.99 -2.78
CA GLU A 10 -10.48 -7.87 -1.87
C GLU A 10 -9.84 -8.17 -0.52
N LYS A 11 -9.12 -7.19 0.02
CA LYS A 11 -8.45 -7.34 1.30
C LYS A 11 -9.21 -6.60 2.40
N PRO A 12 -9.14 -7.13 3.64
CA PRO A 12 -9.81 -6.53 4.79
C PRO A 12 -9.18 -5.22 5.21
N TYR A 13 -7.87 -5.10 5.00
CA TYR A 13 -7.15 -3.88 5.37
C TYR A 13 -6.37 -3.34 4.17
N LYS A 14 -6.66 -2.09 3.81
CA LYS A 14 -5.98 -1.45 2.69
C LYS A 14 -5.26 -0.18 3.14
N CYS A 15 -4.14 0.12 2.49
CA CYS A 15 -3.36 1.29 2.83
C CYS A 15 -4.05 2.57 2.33
N GLU A 16 -3.76 3.69 2.98
CA GLU A 16 -4.35 4.97 2.60
C GLU A 16 -3.39 5.78 1.74
N GLU A 17 -2.10 5.64 2.01
CA GLU A 17 -1.07 6.36 1.27
C GLU A 17 -1.07 5.96 -0.20
N CYS A 18 -1.08 4.65 -0.44
CA CYS A 18 -1.08 4.13 -1.80
C CYS A 18 -2.19 3.09 -1.98
N GLY A 19 -2.43 2.30 -0.94
CA GLY A 19 -3.46 1.29 -1.01
C GLY A 19 -3.01 0.04 -1.74
N LYS A 20 -2.10 -0.72 -1.11
CA LYS A 20 -1.58 -1.94 -1.70
C LYS A 20 -2.47 -3.14 -1.36
N GLY A 21 -2.90 -3.20 -0.10
CA GLY A 21 -3.75 -4.29 0.32
C GLY A 21 -3.01 -5.33 1.13
N PHE A 22 -3.52 -5.63 2.33
CA PHE A 22 -2.89 -6.61 3.20
C PHE A 22 -3.93 -7.46 3.91
N ILE A 23 -3.52 -8.62 4.41
CA ILE A 23 -4.42 -9.52 5.12
C ILE A 23 -4.40 -9.25 6.62
N CYS A 24 -3.20 -9.20 7.19
CA CYS A 24 -3.05 -8.94 8.62
C CYS A 24 -2.79 -7.47 8.89
N ARG A 25 -3.42 -6.94 9.93
CA ARG A 25 -3.25 -5.54 10.29
C ARG A 25 -1.78 -5.19 10.51
N ARG A 26 -1.15 -5.89 11.45
CA ARG A 26 0.26 -5.66 11.75
C ARG A 26 1.03 -5.31 10.49
N ASP A 27 0.84 -6.10 9.44
CA ASP A 27 1.53 -5.87 8.17
C ASP A 27 1.29 -4.44 7.68
N LEU A 28 0.03 -4.05 7.62
CA LEU A 28 -0.33 -2.71 7.17
C LEU A 28 0.55 -1.65 7.83
N TYR A 29 0.43 -1.53 9.14
CA TYR A 29 1.21 -0.56 9.89
C TYR A 29 2.68 -0.59 9.47
N THR A 30 3.22 -1.81 9.33
CA THR A 30 4.61 -1.98 8.93
C THR A 30 4.85 -1.42 7.54
N HIS A 31 3.93 -1.69 6.62
CA HIS A 31 4.04 -1.21 5.25
C HIS A 31 4.23 0.31 5.21
N HIS A 32 3.56 1.00 6.14
CA HIS A 32 3.64 2.45 6.22
C HIS A 32 5.10 2.91 6.24
N MET A 33 5.97 2.06 6.77
CA MET A 33 7.39 2.37 6.86
C MET A 33 7.92 2.87 5.52
N VAL A 34 7.60 2.13 4.46
CA VAL A 34 8.05 2.50 3.11
C VAL A 34 7.73 3.95 2.80
N HIS A 35 6.55 4.40 3.23
CA HIS A 35 6.12 5.77 3.01
C HIS A 35 6.92 6.74 3.87
N THR A 36 7.36 6.27 5.03
CA THR A 36 8.13 7.10 5.95
C THR A 36 9.63 6.98 5.67
N GLY A 37 9.96 6.60 4.44
CA GLY A 37 11.36 6.44 4.07
C GLY A 37 11.66 7.03 2.70
N GLU A 38 12.16 8.26 2.69
CA GLU A 38 12.50 8.94 1.44
C GLU A 38 13.39 8.06 0.57
N LYS A 39 13.22 8.17 -0.74
CA LYS A 39 14.02 7.39 -1.69
C LYS A 39 13.86 7.94 -3.10
N PRO A 40 14.95 7.89 -3.88
CA PRO A 40 14.97 8.37 -5.26
C PRO A 40 14.15 7.48 -6.19
N SER A 41 12.98 7.96 -6.59
CA SER A 41 12.10 7.21 -7.48
C SER A 41 11.52 8.12 -8.57
N GLY A 42 11.24 7.52 -9.72
CA GLY A 42 10.69 8.29 -10.83
C GLY A 42 9.47 9.09 -10.42
N PRO A 43 9.29 10.27 -11.03
CA PRO A 43 8.15 11.15 -10.75
C PRO A 43 6.84 10.58 -11.27
N SER A 44 6.90 9.39 -11.85
CA SER A 44 5.72 8.73 -12.40
C SER A 44 4.80 8.26 -11.27
N SER A 45 5.35 7.43 -10.38
CA SER A 45 4.58 6.90 -9.26
C SER A 45 3.90 8.01 -8.49
N GLY A 46 2.58 8.04 -8.54
CA GLY A 46 1.82 9.05 -7.83
C GLY A 46 2.39 10.44 -8.04
ZN ZN B . 1.02 2.52 1.13
N GLY A 1 -2.91 4.78 -14.58
CA GLY A 1 -3.61 4.18 -13.46
C GLY A 1 -5.07 4.53 -13.42
N SER A 2 -5.74 4.46 -14.58
CA SER A 2 -7.15 4.80 -14.67
C SER A 2 -8.01 3.67 -14.11
N SER A 3 -9.05 4.03 -13.37
CA SER A 3 -9.95 3.05 -12.78
C SER A 3 -10.70 2.28 -13.86
N GLY A 4 -10.77 0.96 -13.69
CA GLY A 4 -11.47 0.13 -14.66
C GLY A 4 -10.59 -0.98 -15.19
N SER A 5 -11.23 -1.99 -15.81
CA SER A 5 -10.49 -3.12 -16.36
C SER A 5 -9.30 -3.48 -15.48
N SER A 6 -9.52 -3.46 -14.17
CA SER A 6 -8.45 -3.78 -13.21
C SER A 6 -9.03 -4.02 -11.83
N GLY A 7 -8.35 -4.86 -11.04
CA GLY A 7 -8.80 -5.17 -9.71
C GLY A 7 -7.80 -5.99 -8.92
N THR A 8 -7.92 -5.97 -7.60
CA THR A 8 -7.02 -6.72 -6.74
C THR A 8 -7.78 -7.45 -5.63
N GLY A 9 -7.20 -8.53 -5.13
CA GLY A 9 -7.84 -9.29 -4.07
C GLY A 9 -8.49 -8.40 -3.04
N GLU A 10 -9.67 -8.80 -2.57
CA GLU A 10 -10.40 -8.03 -1.57
C GLU A 10 -9.82 -8.25 -0.17
N LYS A 11 -9.00 -7.32 0.29
CA LYS A 11 -8.38 -7.43 1.60
C LYS A 11 -9.16 -6.62 2.63
N PRO A 12 -9.20 -7.14 3.87
CA PRO A 12 -9.92 -6.47 4.98
C PRO A 12 -9.22 -5.19 5.42
N TYR A 13 -8.00 -4.99 4.95
CA TYR A 13 -7.23 -3.80 5.31
C TYR A 13 -6.46 -3.27 4.10
N LYS A 14 -6.67 -2.00 3.79
CA LYS A 14 -5.99 -1.37 2.66
C LYS A 14 -5.29 -0.08 3.09
N CYS A 15 -4.14 0.18 2.49
CA CYS A 15 -3.36 1.37 2.81
C CYS A 15 -4.03 2.62 2.24
N GLU A 16 -3.74 3.78 2.84
CA GLU A 16 -4.31 5.04 2.39
C GLU A 16 -3.34 5.78 1.48
N GLU A 17 -2.05 5.67 1.79
CA GLU A 17 -1.02 6.33 1.01
C GLU A 17 -1.02 5.83 -0.43
N CYS A 18 -1.05 4.50 -0.59
CA CYS A 18 -1.06 3.89 -1.91
C CYS A 18 -2.19 2.88 -2.04
N GLY A 19 -2.49 2.19 -0.92
CA GLY A 19 -3.55 1.20 -0.94
C GLY A 19 -3.20 -0.02 -1.76
N LYS A 20 -2.40 -0.91 -1.18
CA LYS A 20 -1.99 -2.13 -1.87
C LYS A 20 -2.89 -3.30 -1.49
N GLY A 21 -3.20 -3.41 -0.20
CA GLY A 21 -4.05 -4.49 0.27
C GLY A 21 -3.32 -5.47 1.15
N PHE A 22 -3.83 -5.67 2.36
CA PHE A 22 -3.21 -6.59 3.30
C PHE A 22 -4.27 -7.32 4.12
N ILE A 23 -4.00 -8.58 4.45
CA ILE A 23 -4.92 -9.39 5.23
C ILE A 23 -4.66 -9.24 6.72
N CYS A 24 -3.41 -8.93 7.07
CA CYS A 24 -3.02 -8.76 8.46
C CYS A 24 -2.82 -7.29 8.79
N ARG A 25 -2.93 -6.96 10.07
CA ARG A 25 -2.76 -5.58 10.53
C ARG A 25 -1.29 -5.19 10.53
N ARG A 26 -0.44 -6.09 11.01
CA ARG A 26 1.00 -5.85 11.06
C ARG A 26 1.50 -5.25 9.75
N ASP A 27 1.27 -5.97 8.66
CA ASP A 27 1.70 -5.52 7.34
C ASP A 27 1.19 -4.11 7.07
N LEU A 28 -0.10 -3.90 7.28
CA LEU A 28 -0.72 -2.60 7.05
C LEU A 28 0.09 -1.49 7.72
N TYR A 29 0.24 -1.60 9.04
CA TYR A 29 0.98 -0.60 9.81
C TYR A 29 2.45 -0.63 9.43
N THR A 30 3.12 -1.74 9.73
CA THR A 30 4.53 -1.90 9.43
C THR A 30 4.86 -1.36 8.03
N HIS A 31 3.94 -1.56 7.10
CA HIS A 31 4.14 -1.09 5.73
C HIS A 31 4.42 0.40 5.70
N HIS A 32 3.61 1.17 6.43
CA HIS A 32 3.77 2.62 6.49
C HIS A 32 5.26 2.99 6.49
N MET A 33 6.07 2.19 7.15
CA MET A 33 7.51 2.44 7.23
C MET A 33 8.05 2.88 5.89
N VAL A 34 7.86 2.04 4.87
CA VAL A 34 8.33 2.34 3.52
C VAL A 34 7.91 3.74 3.09
N HIS A 35 6.68 4.12 3.43
CA HIS A 35 6.16 5.44 3.09
C HIS A 35 6.90 6.53 3.85
N THR A 36 7.29 6.23 5.08
CA THR A 36 8.02 7.19 5.91
C THR A 36 9.48 7.29 5.49
N GLY A 37 10.03 6.19 5.01
CA GLY A 37 11.41 6.17 4.59
C GLY A 37 11.57 6.52 3.12
N GLU A 38 12.15 7.69 2.84
CA GLU A 38 12.36 8.14 1.47
C GLU A 38 13.65 7.55 0.90
N LYS A 39 13.63 7.25 -0.39
CA LYS A 39 14.79 6.69 -1.06
C LYS A 39 15.33 7.66 -2.12
N PRO A 40 16.66 7.69 -2.27
CA PRO A 40 17.33 8.56 -3.24
C PRO A 40 17.08 8.12 -4.69
N SER A 41 15.97 8.58 -5.26
CA SER A 41 15.62 8.23 -6.62
C SER A 41 14.42 9.04 -7.11
N GLY A 42 14.06 8.87 -8.38
CA GLY A 42 12.94 9.60 -8.93
C GLY A 42 11.74 8.71 -9.18
N PRO A 43 10.94 8.49 -8.14
CA PRO A 43 9.74 7.64 -8.23
C PRO A 43 8.64 8.29 -9.05
N SER A 44 8.49 7.85 -10.29
CA SER A 44 7.48 8.39 -11.19
C SER A 44 6.07 8.07 -10.68
N SER A 45 5.14 8.98 -10.93
CA SER A 45 3.76 8.80 -10.49
C SER A 45 2.82 8.71 -11.69
N GLY A 46 2.96 9.65 -12.62
CA GLY A 46 2.11 9.65 -13.79
C GLY A 46 0.64 9.80 -13.46
ZN ZN B . 0.93 2.39 1.13
N GLY A 1 -17.49 1.25 -7.21
CA GLY A 1 -18.25 1.03 -8.42
C GLY A 1 -17.49 0.20 -9.44
N SER A 2 -16.72 0.87 -10.30
CA SER A 2 -15.93 0.19 -11.32
C SER A 2 -14.51 0.71 -11.35
N SER A 3 -14.37 2.02 -11.48
CA SER A 3 -13.05 2.65 -11.53
C SER A 3 -12.19 2.22 -10.34
N GLY A 4 -10.91 2.02 -10.59
CA GLY A 4 -10.00 1.60 -9.53
C GLY A 4 -8.88 0.72 -10.04
N SER A 5 -7.80 0.62 -9.26
CA SER A 5 -6.65 -0.18 -9.64
C SER A 5 -6.45 -1.34 -8.66
N SER A 6 -6.92 -2.52 -9.04
CA SER A 6 -6.80 -3.70 -8.20
C SER A 6 -6.78 -4.97 -9.04
N GLY A 7 -6.12 -6.00 -8.53
CA GLY A 7 -6.03 -7.26 -9.24
C GLY A 7 -7.16 -8.21 -8.90
N THR A 8 -6.84 -9.48 -8.73
CA THR A 8 -7.84 -10.49 -8.40
C THR A 8 -7.71 -10.93 -6.93
N GLY A 9 -8.55 -10.35 -6.08
CA GLY A 9 -8.52 -10.69 -4.67
C GLY A 9 -8.86 -9.52 -3.78
N GLU A 10 -9.71 -9.75 -2.78
CA GLU A 10 -10.11 -8.70 -1.85
C GLU A 10 -9.37 -8.83 -0.53
N LYS A 11 -8.99 -7.69 0.03
CA LYS A 11 -8.27 -7.66 1.30
C LYS A 11 -9.03 -6.85 2.34
N PRO A 12 -8.98 -7.30 3.61
CA PRO A 12 -9.66 -6.62 4.71
C PRO A 12 -9.01 -5.28 5.06
N TYR A 13 -7.69 -5.24 5.00
CA TYR A 13 -6.96 -4.02 5.31
C TYR A 13 -6.42 -3.37 4.04
N LYS A 14 -6.35 -2.04 4.05
CA LYS A 14 -5.87 -1.29 2.90
C LYS A 14 -5.02 -0.10 3.35
N CYS A 15 -3.99 0.21 2.56
CA CYS A 15 -3.10 1.32 2.88
C CYS A 15 -3.73 2.65 2.46
N GLU A 16 -3.30 3.72 3.12
CA GLU A 16 -3.82 5.05 2.83
C GLU A 16 -2.90 5.80 1.87
N GLU A 17 -1.60 5.58 2.02
CA GLU A 17 -0.61 6.23 1.17
C GLU A 17 -0.79 5.83 -0.29
N CYS A 18 -0.77 4.52 -0.53
CA CYS A 18 -0.93 3.98 -1.88
C CYS A 18 -2.14 3.07 -1.97
N GLY A 19 -2.42 2.37 -0.87
CA GLY A 19 -3.56 1.46 -0.85
C GLY A 19 -3.37 0.26 -1.75
N LYS A 20 -2.61 -0.72 -1.27
CA LYS A 20 -2.34 -1.93 -2.04
C LYS A 20 -3.22 -3.08 -1.57
N GLY A 21 -3.28 -3.27 -0.25
CA GLY A 21 -4.08 -4.34 0.31
C GLY A 21 -3.25 -5.38 1.02
N PHE A 22 -3.63 -5.70 2.26
CA PHE A 22 -2.90 -6.69 3.05
C PHE A 22 -3.87 -7.52 3.89
N ILE A 23 -3.49 -8.77 4.14
CA ILE A 23 -4.33 -9.67 4.95
C ILE A 23 -3.82 -9.76 6.37
N CYS A 24 -3.25 -8.67 6.86
CA CYS A 24 -2.72 -8.62 8.22
C CYS A 24 -2.74 -7.20 8.76
N ARG A 25 -3.41 -7.00 9.90
CA ARG A 25 -3.50 -5.69 10.51
C ARG A 25 -2.12 -5.12 10.80
N ARG A 26 -1.30 -5.89 11.50
CA ARG A 26 0.06 -5.46 11.83
C ARG A 26 0.85 -5.12 10.57
N ASP A 27 0.91 -6.07 9.64
CA ASP A 27 1.63 -5.85 8.39
C ASP A 27 1.38 -4.46 7.84
N LEU A 28 0.10 -4.12 7.65
CA LEU A 28 -0.27 -2.81 7.14
C LEU A 28 0.64 -1.72 7.70
N TYR A 29 0.54 -1.49 9.00
CA TYR A 29 1.34 -0.48 9.66
C TYR A 29 2.80 -0.58 9.25
N THR A 30 3.34 -1.81 9.31
CA THR A 30 4.72 -2.05 8.94
C THR A 30 5.03 -1.53 7.54
N HIS A 31 4.11 -1.77 6.61
CA HIS A 31 4.28 -1.33 5.23
C HIS A 31 4.37 0.20 5.17
N HIS A 32 3.47 0.88 5.87
CA HIS A 32 3.46 2.33 5.89
C HIS A 32 4.87 2.89 6.06
N MET A 33 5.73 2.12 6.72
CA MET A 33 7.11 2.55 6.95
C MET A 33 7.76 2.99 5.64
N VAL A 34 7.55 2.21 4.59
CA VAL A 34 8.11 2.52 3.28
C VAL A 34 7.72 3.92 2.83
N HIS A 35 6.55 4.37 3.28
CA HIS A 35 6.06 5.71 2.94
C HIS A 35 6.72 6.77 3.80
N THR A 36 7.04 6.41 5.04
CA THR A 36 7.67 7.33 5.97
C THR A 36 9.18 7.30 5.85
N GLY A 37 9.66 6.87 4.69
CA GLY A 37 11.10 6.79 4.47
C GLY A 37 11.81 8.09 4.84
N GLU A 38 11.13 9.21 4.64
CA GLU A 38 11.71 10.51 4.95
C GLU A 38 10.72 11.38 5.72
N LYS A 39 11.13 12.59 6.06
CA LYS A 39 10.28 13.52 6.79
C LYS A 39 9.85 14.68 5.91
N PRO A 40 8.82 14.45 5.07
CA PRO A 40 8.29 15.47 4.16
C PRO A 40 7.56 16.59 4.90
N SER A 41 8.28 17.68 5.16
CA SER A 41 7.71 18.82 5.87
C SER A 41 8.23 20.13 5.29
N GLY A 42 7.67 21.24 5.76
CA GLY A 42 8.09 22.54 5.28
C GLY A 42 8.18 23.57 6.40
N PRO A 43 8.54 24.81 6.04
CA PRO A 43 8.68 25.91 7.00
C PRO A 43 7.34 26.36 7.55
N SER A 44 6.25 25.78 7.03
CA SER A 44 4.91 26.13 7.46
C SER A 44 3.95 24.98 7.21
N SER A 45 2.98 24.80 8.11
CA SER A 45 1.99 23.74 7.98
C SER A 45 0.63 24.31 7.59
N GLY A 46 0.05 23.76 6.53
CA GLY A 46 -1.25 24.21 6.07
C GLY A 46 -1.99 23.17 5.27
ZN ZN B . 1.25 2.16 0.91
N GLY A 1 -5.95 -1.21 -20.13
CA GLY A 1 -6.31 -1.74 -18.82
C GLY A 1 -5.10 -2.09 -17.98
N SER A 2 -5.35 -2.46 -16.72
CA SER A 2 -4.27 -2.81 -15.80
C SER A 2 -4.16 -4.32 -15.66
N SER A 3 -4.26 -5.03 -16.78
CA SER A 3 -4.16 -6.48 -16.78
C SER A 3 -5.23 -7.10 -15.88
N GLY A 4 -6.45 -6.57 -15.99
CA GLY A 4 -7.55 -7.07 -15.19
C GLY A 4 -7.55 -6.51 -13.78
N SER A 5 -8.62 -6.76 -13.04
CA SER A 5 -8.74 -6.27 -11.66
C SER A 5 -7.45 -6.51 -10.90
N SER A 6 -7.33 -5.87 -9.74
CA SER A 6 -6.15 -6.01 -8.90
C SER A 6 -6.48 -6.80 -7.63
N GLY A 7 -7.18 -7.91 -7.80
CA GLY A 7 -7.54 -8.74 -6.66
C GLY A 7 -9.04 -8.98 -6.57
N THR A 8 -9.45 -10.23 -6.78
CA THR A 8 -10.86 -10.58 -6.72
C THR A 8 -11.43 -10.36 -5.33
N GLY A 9 -10.79 -10.96 -4.33
CA GLY A 9 -11.25 -10.80 -2.96
C GLY A 9 -10.89 -9.45 -2.37
N GLU A 10 -11.75 -8.95 -1.48
CA GLU A 10 -11.51 -7.66 -0.85
C GLU A 10 -10.73 -7.82 0.45
N LYS A 11 -9.48 -7.36 0.44
CA LYS A 11 -8.62 -7.46 1.62
C LYS A 11 -9.26 -6.72 2.80
N PRO A 12 -8.98 -7.23 4.01
CA PRO A 12 -9.51 -6.64 5.25
C PRO A 12 -8.87 -5.29 5.56
N TYR A 13 -7.72 -5.04 4.97
CA TYR A 13 -6.99 -3.79 5.19
C TYR A 13 -6.32 -3.31 3.91
N LYS A 14 -6.42 -2.01 3.64
CA LYS A 14 -5.81 -1.43 2.45
C LYS A 14 -5.14 -0.11 2.77
N CYS A 15 -3.94 0.11 2.22
CA CYS A 15 -3.19 1.34 2.45
C CYS A 15 -3.97 2.54 1.95
N GLU A 16 -4.19 3.51 2.84
CA GLU A 16 -4.92 4.72 2.48
C GLU A 16 -3.97 5.81 1.98
N GLU A 17 -2.71 5.43 1.77
CA GLU A 17 -1.70 6.36 1.29
C GLU A 17 -1.42 6.14 -0.19
N CYS A 18 -1.24 4.88 -0.57
CA CYS A 18 -0.96 4.53 -1.95
C CYS A 18 -1.94 3.48 -2.47
N GLY A 19 -2.44 2.66 -1.55
CA GLY A 19 -3.38 1.62 -1.91
C GLY A 19 -2.70 0.34 -2.37
N LYS A 20 -2.64 -0.64 -1.47
CA LYS A 20 -2.01 -1.91 -1.79
C LYS A 20 -2.92 -3.07 -1.42
N GLY A 21 -3.03 -3.35 -0.13
CA GLY A 21 -3.88 -4.44 0.33
C GLY A 21 -3.12 -5.44 1.20
N PHE A 22 -3.68 -5.74 2.36
CA PHE A 22 -3.05 -6.68 3.28
C PHE A 22 -4.11 -7.52 4.00
N ILE A 23 -3.65 -8.57 4.69
CA ILE A 23 -4.56 -9.45 5.43
C ILE A 23 -4.49 -9.18 6.92
N CYS A 24 -3.29 -9.23 7.48
CA CYS A 24 -3.09 -8.99 8.90
C CYS A 24 -3.08 -7.49 9.21
N ARG A 25 -3.17 -7.16 10.49
CA ARG A 25 -3.17 -5.76 10.92
C ARG A 25 -1.76 -5.20 10.97
N ARG A 26 -0.88 -5.90 11.68
CA ARG A 26 0.51 -5.46 11.81
C ARG A 26 1.10 -5.14 10.44
N ASP A 27 0.94 -6.05 9.50
CA ASP A 27 1.46 -5.85 8.15
C ASP A 27 1.14 -4.46 7.63
N LEU A 28 -0.14 -4.10 7.67
CA LEU A 28 -0.58 -2.78 7.22
C LEU A 28 0.34 -1.68 7.76
N TYR A 29 0.41 -1.58 9.09
CA TYR A 29 1.24 -0.58 9.72
C TYR A 29 2.70 -0.70 9.26
N THR A 30 3.21 -1.93 9.30
CA THR A 30 4.59 -2.18 8.89
C THR A 30 4.89 -1.56 7.53
N HIS A 31 3.90 -1.61 6.64
CA HIS A 31 4.06 -1.04 5.30
C HIS A 31 4.24 0.47 5.37
N HIS A 32 3.65 1.08 6.38
CA HIS A 32 3.74 2.54 6.56
C HIS A 32 5.19 2.97 6.68
N MET A 33 6.08 2.00 6.91
CA MET A 33 7.50 2.30 7.05
C MET A 33 8.11 2.70 5.70
N VAL A 34 7.71 2.00 4.64
CA VAL A 34 8.22 2.28 3.30
C VAL A 34 7.76 3.66 2.83
N HIS A 35 6.85 4.26 3.58
CA HIS A 35 6.34 5.59 3.25
C HIS A 35 7.07 6.68 4.02
N THR A 36 7.66 6.29 5.15
CA THR A 36 8.39 7.24 5.99
C THR A 36 9.89 7.17 5.73
N GLY A 37 10.30 6.13 4.99
CA GLY A 37 11.71 5.96 4.68
C GLY A 37 12.03 6.32 3.24
N GLU A 38 13.13 5.78 2.73
CA GLU A 38 13.54 6.05 1.35
C GLU A 38 13.51 4.77 0.51
N LYS A 39 12.85 4.85 -0.64
CA LYS A 39 12.73 3.71 -1.53
C LYS A 39 12.55 4.16 -2.98
N PRO A 40 13.02 3.33 -3.92
CA PRO A 40 12.91 3.63 -5.35
C PRO A 40 11.48 3.56 -5.86
N SER A 41 11.17 4.36 -6.87
CA SER A 41 9.84 4.39 -7.45
C SER A 41 9.79 3.61 -8.77
N GLY A 42 8.87 2.66 -8.85
CA GLY A 42 8.74 1.86 -10.06
C GLY A 42 7.87 2.53 -11.10
N PRO A 43 8.21 2.32 -12.39
CA PRO A 43 7.47 2.89 -13.51
C PRO A 43 6.08 2.28 -13.67
N SER A 44 6.02 0.96 -13.58
CA SER A 44 4.75 0.24 -13.71
C SER A 44 4.59 -0.79 -12.61
N SER A 45 4.08 -0.34 -11.46
CA SER A 45 3.87 -1.22 -10.31
C SER A 45 3.15 -0.49 -9.19
N GLY A 46 2.83 -1.22 -8.13
CA GLY A 46 2.14 -0.63 -7.00
C GLY A 46 3.04 -0.47 -5.79
ZN ZN B . 1.11 2.47 0.88
N GLY A 1 -8.31 0.85 -12.02
CA GLY A 1 -9.47 1.56 -11.51
C GLY A 1 -10.28 0.72 -10.53
N SER A 2 -10.81 -0.40 -11.01
CA SER A 2 -11.61 -1.29 -10.18
C SER A 2 -10.77 -1.87 -9.05
N SER A 3 -11.37 -2.03 -7.88
CA SER A 3 -10.68 -2.58 -6.73
C SER A 3 -10.79 -4.10 -6.71
N GLY A 4 -9.88 -4.76 -7.41
CA GLY A 4 -9.89 -6.21 -7.47
C GLY A 4 -10.92 -6.75 -8.44
N SER A 5 -10.50 -6.98 -9.68
CA SER A 5 -11.40 -7.49 -10.72
C SER A 5 -12.14 -8.73 -10.23
N SER A 6 -11.41 -9.62 -9.57
CA SER A 6 -12.01 -10.85 -9.05
C SER A 6 -12.54 -10.64 -7.63
N GLY A 7 -13.87 -10.74 -7.49
CA GLY A 7 -14.48 -10.55 -6.18
C GLY A 7 -13.66 -11.14 -5.07
N THR A 8 -13.65 -12.47 -4.99
CA THR A 8 -12.89 -13.17 -3.95
C THR A 8 -11.39 -12.90 -4.08
N GLY A 9 -10.77 -12.49 -2.98
CA GLY A 9 -9.36 -12.20 -2.98
C GLY A 9 -9.03 -10.87 -2.33
N GLU A 10 -9.79 -9.84 -2.68
CA GLU A 10 -9.58 -8.51 -2.12
C GLU A 10 -9.23 -8.59 -0.64
N LYS A 11 -8.22 -7.83 -0.24
CA LYS A 11 -7.77 -7.81 1.15
C LYS A 11 -8.75 -7.01 2.01
N PRO A 12 -8.86 -7.39 3.29
CA PRO A 12 -9.74 -6.71 4.25
C PRO A 12 -9.24 -5.32 4.61
N TYR A 13 -7.93 -5.15 4.65
CA TYR A 13 -7.33 -3.87 4.98
C TYR A 13 -6.53 -3.32 3.79
N LYS A 14 -6.52 -1.99 3.68
CA LYS A 14 -5.80 -1.33 2.59
C LYS A 14 -5.08 -0.08 3.10
N CYS A 15 -4.01 0.29 2.43
CA CYS A 15 -3.23 1.47 2.80
C CYS A 15 -3.89 2.75 2.28
N GLU A 16 -3.88 3.79 3.10
CA GLU A 16 -4.47 5.06 2.72
C GLU A 16 -3.43 5.98 2.10
N GLU A 17 -2.25 5.44 1.81
CA GLU A 17 -1.18 6.20 1.21
C GLU A 17 -0.96 5.81 -0.25
N CYS A 18 -0.93 4.50 -0.51
CA CYS A 18 -0.74 4.00 -1.86
C CYS A 18 -1.94 3.16 -2.30
N GLY A 19 -2.46 2.35 -1.39
CA GLY A 19 -3.60 1.52 -1.70
C GLY A 19 -3.23 0.05 -1.83
N LYS A 20 -2.48 -0.45 -0.86
CA LYS A 20 -2.06 -1.85 -0.88
C LYS A 20 -2.88 -2.68 0.11
N GLY A 21 -3.42 -3.80 -0.36
CA GLY A 21 -4.22 -4.66 0.48
C GLY A 21 -3.37 -5.54 1.37
N PHE A 22 -3.88 -5.84 2.57
CA PHE A 22 -3.17 -6.68 3.52
C PHE A 22 -4.13 -7.63 4.24
N ILE A 23 -3.64 -8.82 4.54
CA ILE A 23 -4.45 -9.83 5.23
C ILE A 23 -4.43 -9.60 6.74
N CYS A 24 -3.41 -8.90 7.21
CA CYS A 24 -3.27 -8.61 8.64
C CYS A 24 -2.98 -7.13 8.87
N ARG A 25 -3.16 -6.70 10.12
CA ARG A 25 -2.91 -5.30 10.48
C ARG A 25 -1.43 -5.00 10.56
N ARG A 26 -0.70 -5.82 11.33
CA ARG A 26 0.73 -5.65 11.50
C ARG A 26 1.40 -5.27 10.17
N ASP A 27 1.12 -6.06 9.14
CA ASP A 27 1.68 -5.82 7.82
C ASP A 27 1.31 -4.43 7.32
N LEU A 28 0.04 -4.06 7.50
CA LEU A 28 -0.44 -2.75 7.06
C LEU A 28 0.34 -1.63 7.74
N TYR A 29 0.41 -1.69 9.06
CA TYR A 29 1.13 -0.67 9.84
C TYR A 29 2.61 -0.67 9.49
N THR A 30 3.26 -1.82 9.62
CA THR A 30 4.68 -1.95 9.32
C THR A 30 4.97 -1.49 7.90
N HIS A 31 4.02 -1.68 7.00
CA HIS A 31 4.18 -1.28 5.61
C HIS A 31 4.32 0.24 5.49
N HIS A 32 3.51 0.96 6.25
CA HIS A 32 3.54 2.42 6.23
C HIS A 32 4.98 2.93 6.27
N MET A 33 5.89 2.10 6.78
CA MET A 33 7.29 2.46 6.87
C MET A 33 7.83 2.88 5.51
N VAL A 34 7.49 2.11 4.48
CA VAL A 34 7.94 2.40 3.12
C VAL A 34 7.61 3.84 2.72
N HIS A 35 6.64 4.42 3.41
CA HIS A 35 6.22 5.79 3.13
C HIS A 35 7.06 6.79 3.94
N THR A 36 7.52 6.34 5.09
CA THR A 36 8.34 7.19 5.96
C THR A 36 9.81 7.11 5.59
N GLY A 37 10.16 6.12 4.78
CA GLY A 37 11.54 5.95 4.35
C GLY A 37 11.87 6.75 3.10
N GLU A 38 11.23 7.90 2.96
CA GLU A 38 11.45 8.75 1.79
C GLU A 38 11.70 7.92 0.54
N LYS A 39 10.92 6.86 0.39
CA LYS A 39 11.05 5.98 -0.76
C LYS A 39 10.90 6.75 -2.07
N PRO A 40 11.53 6.25 -3.14
CA PRO A 40 11.48 6.87 -4.46
C PRO A 40 10.10 6.76 -5.10
N SER A 41 9.46 7.91 -5.31
CA SER A 41 8.13 7.94 -5.91
C SER A 41 8.12 8.79 -7.17
N GLY A 42 8.20 8.12 -8.33
CA GLY A 42 8.21 8.84 -9.59
C GLY A 42 8.78 8.00 -10.72
N PRO A 43 8.42 8.36 -11.96
CA PRO A 43 8.89 7.65 -13.16
C PRO A 43 10.37 7.89 -13.42
N SER A 44 10.99 8.70 -12.59
CA SER A 44 12.41 9.02 -12.73
C SER A 44 13.27 8.12 -11.85
N SER A 45 13.75 7.02 -12.44
CA SER A 45 14.58 6.08 -11.70
C SER A 45 16.04 6.17 -12.15
N GLY A 46 16.90 5.39 -11.49
CA GLY A 46 18.31 5.40 -11.83
C GLY A 46 19.15 6.14 -10.81
ZN ZN B . 1.18 2.36 1.43
N GLY A 1 6.67 -0.61 -15.44
CA GLY A 1 5.55 -1.48 -15.73
C GLY A 1 5.70 -2.85 -15.12
N SER A 2 6.14 -3.82 -15.91
CA SER A 2 6.32 -5.18 -15.43
C SER A 2 5.21 -5.56 -14.45
N SER A 3 3.98 -5.17 -14.76
CA SER A 3 2.84 -5.46 -13.90
C SER A 3 1.91 -6.47 -14.58
N GLY A 4 1.38 -7.41 -13.79
CA GLY A 4 0.48 -8.41 -14.32
C GLY A 4 0.13 -9.48 -13.31
N SER A 5 -0.64 -10.46 -13.73
CA SER A 5 -1.05 -11.54 -12.84
C SER A 5 -1.56 -11.00 -11.51
N SER A 6 -2.34 -9.93 -11.58
CA SER A 6 -2.89 -9.30 -10.38
C SER A 6 -4.41 -9.46 -10.34
N GLY A 7 -5.02 -8.99 -9.25
CA GLY A 7 -6.45 -9.10 -9.11
C GLY A 7 -6.85 -9.79 -7.81
N THR A 8 -6.73 -9.07 -6.70
CA THR A 8 -7.09 -9.62 -5.40
C THR A 8 -8.45 -9.13 -4.94
N GLY A 9 -9.16 -9.97 -4.19
CA GLY A 9 -10.47 -9.61 -3.70
C GLY A 9 -10.43 -8.42 -2.76
N GLU A 10 -11.48 -8.27 -1.95
CA GLU A 10 -11.56 -7.17 -0.99
C GLU A 10 -10.74 -7.47 0.26
N LYS A 11 -9.59 -6.83 0.39
CA LYS A 11 -8.73 -7.03 1.55
C LYS A 11 -9.29 -6.31 2.78
N PRO A 12 -9.11 -6.94 3.95
CA PRO A 12 -9.58 -6.38 5.22
C PRO A 12 -8.81 -5.14 5.64
N TYR A 13 -7.57 -5.04 5.17
CA TYR A 13 -6.71 -3.90 5.50
C TYR A 13 -5.99 -3.39 4.26
N LYS A 14 -6.26 -2.13 3.90
CA LYS A 14 -5.64 -1.51 2.73
C LYS A 14 -4.95 -0.21 3.12
N CYS A 15 -3.88 0.13 2.40
CA CYS A 15 -3.14 1.36 2.65
C CYS A 15 -3.90 2.57 2.14
N GLU A 16 -3.69 3.72 2.78
CA GLU A 16 -4.36 4.95 2.39
C GLU A 16 -3.41 5.86 1.61
N GLU A 17 -2.11 5.69 1.86
CA GLU A 17 -1.10 6.49 1.17
C GLU A 17 -1.03 6.13 -0.31
N CYS A 18 -1.04 4.83 -0.60
CA CYS A 18 -0.97 4.36 -1.98
C CYS A 18 -2.06 3.32 -2.25
N GLY A 19 -2.31 2.46 -1.27
CA GLY A 19 -3.32 1.43 -1.42
C GLY A 19 -2.76 0.14 -1.99
N LYS A 20 -2.12 -0.64 -1.13
CA LYS A 20 -1.52 -1.91 -1.54
C LYS A 20 -2.49 -3.07 -1.29
N GLY A 21 -2.70 -3.39 -0.02
CA GLY A 21 -3.59 -4.47 0.33
C GLY A 21 -2.93 -5.52 1.21
N PHE A 22 -3.55 -5.79 2.35
CA PHE A 22 -3.01 -6.78 3.29
C PHE A 22 -4.13 -7.56 3.96
N ILE A 23 -3.78 -8.69 4.56
CA ILE A 23 -4.76 -9.54 5.24
C ILE A 23 -4.75 -9.27 6.75
N CYS A 24 -3.56 -9.27 7.33
CA CYS A 24 -3.42 -9.03 8.77
C CYS A 24 -3.47 -7.53 9.08
N ARG A 25 -3.55 -7.21 10.35
CA ARG A 25 -3.62 -5.82 10.79
C ARG A 25 -2.22 -5.21 10.90
N ARG A 26 -1.30 -5.97 11.48
CA ARG A 26 0.08 -5.51 11.65
C ARG A 26 0.71 -5.21 10.29
N ASP A 27 0.71 -6.21 9.41
CA ASP A 27 1.29 -6.04 8.08
C ASP A 27 1.05 -4.63 7.55
N LEU A 28 -0.17 -4.15 7.72
CA LEU A 28 -0.54 -2.81 7.26
C LEU A 28 0.39 -1.75 7.86
N TYR A 29 0.39 -1.66 9.18
CA TYR A 29 1.22 -0.69 9.88
C TYR A 29 2.67 -0.78 9.40
N THR A 30 3.14 -2.01 9.21
CA THR A 30 4.51 -2.25 8.76
C THR A 30 4.75 -1.63 7.39
N HIS A 31 3.71 -1.59 6.56
CA HIS A 31 3.81 -1.02 5.22
C HIS A 31 4.12 0.48 5.29
N HIS A 32 3.64 1.13 6.34
CA HIS A 32 3.86 2.56 6.52
C HIS A 32 5.34 2.90 6.38
N MET A 33 6.19 1.89 6.50
CA MET A 33 7.63 2.08 6.38
C MET A 33 7.98 2.76 5.05
N VAL A 34 7.49 2.19 3.96
CA VAL A 34 7.74 2.73 2.64
C VAL A 34 7.22 4.15 2.51
N HIS A 35 6.39 4.56 3.48
CA HIS A 35 5.81 5.90 3.48
C HIS A 35 6.40 6.74 4.62
N THR A 36 7.52 6.29 5.15
CA THR A 36 8.18 7.00 6.25
C THR A 36 9.58 7.46 5.84
N GLY A 37 10.20 6.72 4.92
CA GLY A 37 11.53 7.06 4.47
C GLY A 37 11.67 8.54 4.15
N GLU A 38 11.29 8.92 2.94
CA GLU A 38 11.37 10.32 2.52
C GLU A 38 10.04 10.81 1.96
N LYS A 39 9.90 12.12 1.85
CA LYS A 39 8.67 12.71 1.32
C LYS A 39 8.38 12.21 -0.08
N PRO A 40 7.08 12.15 -0.43
CA PRO A 40 6.64 11.69 -1.75
C PRO A 40 7.01 12.67 -2.86
N SER A 41 7.70 13.75 -2.49
CA SER A 41 8.10 14.76 -3.46
C SER A 41 6.88 15.40 -4.11
N GLY A 42 5.93 15.84 -3.28
CA GLY A 42 4.73 16.47 -3.79
C GLY A 42 5.03 17.54 -4.83
N PRO A 43 4.00 17.93 -5.59
CA PRO A 43 4.14 18.95 -6.64
C PRO A 43 4.37 20.34 -6.06
N SER A 44 3.99 20.53 -4.81
CA SER A 44 4.16 21.82 -4.14
C SER A 44 5.64 22.17 -4.00
N SER A 45 6.39 21.26 -3.39
CA SER A 45 7.82 21.47 -3.17
C SER A 45 8.63 20.88 -4.32
N GLY A 46 8.79 21.67 -5.39
CA GLY A 46 9.55 21.21 -6.54
C GLY A 46 11.05 21.36 -6.35
ZN ZN B . 1.10 2.41 0.91
N GLY A 1 -22.44 -6.11 -23.43
CA GLY A 1 -21.96 -5.03 -22.58
C GLY A 1 -22.40 -5.18 -21.15
N SER A 2 -21.54 -5.75 -20.32
CA SER A 2 -21.84 -5.97 -18.91
C SER A 2 -20.60 -5.78 -18.04
N SER A 3 -20.65 -4.80 -17.14
CA SER A 3 -19.52 -4.52 -16.26
C SER A 3 -19.14 -5.76 -15.46
N GLY A 4 -17.84 -6.04 -15.41
CA GLY A 4 -17.36 -7.19 -14.67
C GLY A 4 -15.87 -7.14 -14.41
N SER A 5 -15.50 -7.21 -13.13
CA SER A 5 -14.09 -7.16 -12.74
C SER A 5 -13.41 -8.49 -12.99
N SER A 6 -12.12 -8.45 -13.30
CA SER A 6 -11.35 -9.66 -13.56
C SER A 6 -11.04 -10.40 -12.27
N GLY A 7 -11.97 -11.24 -11.83
CA GLY A 7 -11.77 -11.99 -10.61
C GLY A 7 -12.21 -11.23 -9.38
N THR A 8 -12.63 -11.95 -8.35
CA THR A 8 -13.08 -11.32 -7.11
C THR A 8 -11.96 -11.30 -6.07
N GLY A 9 -12.11 -10.43 -5.07
CA GLY A 9 -11.10 -10.34 -4.02
C GLY A 9 -11.22 -9.06 -3.22
N GLU A 10 -11.42 -9.20 -1.92
CA GLU A 10 -11.55 -8.04 -1.03
C GLU A 10 -10.69 -8.21 0.21
N LYS A 11 -9.77 -7.26 0.42
CA LYS A 11 -8.88 -7.31 1.57
C LYS A 11 -9.52 -6.60 2.77
N PRO A 12 -9.27 -7.14 3.97
CA PRO A 12 -9.79 -6.57 5.21
C PRO A 12 -9.15 -5.23 5.57
N TYR A 13 -7.95 -5.01 5.06
CA TYR A 13 -7.23 -3.76 5.32
C TYR A 13 -6.46 -3.32 4.08
N LYS A 14 -6.60 -2.04 3.73
CA LYS A 14 -5.92 -1.48 2.58
C LYS A 14 -5.15 -0.22 2.96
N CYS A 15 -4.05 0.03 2.25
CA CYS A 15 -3.23 1.21 2.51
C CYS A 15 -3.91 2.48 2.03
N GLU A 16 -3.93 3.49 2.88
CA GLU A 16 -4.56 4.77 2.55
C GLU A 16 -3.57 5.70 1.85
N GLU A 17 -2.28 5.46 2.09
CA GLU A 17 -1.23 6.28 1.49
C GLU A 17 -1.18 6.06 -0.02
N CYS A 18 -1.17 4.81 -0.43
CA CYS A 18 -1.12 4.46 -1.86
C CYS A 18 -2.12 3.36 -2.18
N GLY A 19 -2.27 2.41 -1.27
CA GLY A 19 -3.19 1.30 -1.47
C GLY A 19 -2.50 0.07 -2.02
N LYS A 20 -2.26 -0.90 -1.16
CA LYS A 20 -1.60 -2.14 -1.55
C LYS A 20 -2.50 -3.34 -1.27
N GLY A 21 -3.20 -3.31 -0.13
CA GLY A 21 -4.08 -4.40 0.22
C GLY A 21 -3.39 -5.47 1.04
N PHE A 22 -3.90 -5.73 2.23
CA PHE A 22 -3.31 -6.74 3.11
C PHE A 22 -4.40 -7.48 3.89
N ILE A 23 -4.00 -8.55 4.56
CA ILE A 23 -4.94 -9.35 5.35
C ILE A 23 -4.84 -9.02 6.83
N CYS A 24 -3.64 -9.11 7.38
CA CYS A 24 -3.40 -8.83 8.78
C CYS A 24 -3.41 -7.32 9.04
N ARG A 25 -3.45 -6.94 10.32
CA ARG A 25 -3.47 -5.54 10.70
C ARG A 25 -2.05 -5.00 10.87
N ARG A 26 -1.22 -5.77 11.56
CA ARG A 26 0.17 -5.38 11.80
C ARG A 26 0.91 -5.15 10.48
N ASP A 27 0.82 -6.12 9.59
CA ASP A 27 1.46 -6.02 8.28
C ASP A 27 1.26 -4.65 7.66
N LEU A 28 0.00 -4.21 7.65
CA LEU A 28 -0.34 -2.90 7.08
C LEU A 28 0.61 -1.83 7.59
N TYR A 29 0.56 -1.56 8.89
CA TYR A 29 1.41 -0.55 9.51
C TYR A 29 2.85 -0.69 9.02
N THR A 30 3.37 -1.91 9.12
CA THR A 30 4.75 -2.18 8.70
C THR A 30 5.06 -1.49 7.38
N HIS A 31 4.17 -1.63 6.41
CA HIS A 31 4.35 -1.02 5.10
C HIS A 31 4.61 0.49 5.23
N HIS A 32 3.80 1.15 6.06
CA HIS A 32 3.93 2.58 6.28
C HIS A 32 5.40 2.97 6.40
N MET A 33 6.24 2.02 6.79
CA MET A 33 7.67 2.27 6.95
C MET A 33 8.26 2.85 5.66
N VAL A 34 7.90 2.25 4.53
CA VAL A 34 8.40 2.70 3.24
C VAL A 34 7.80 4.05 2.86
N HIS A 35 6.68 4.39 3.49
CA HIS A 35 6.01 5.66 3.22
C HIS A 35 6.64 6.79 4.04
N THR A 36 7.19 6.43 5.20
CA THR A 36 7.82 7.42 6.07
C THR A 36 9.32 7.17 6.18
N GLY A 37 9.88 6.52 5.17
CA GLY A 37 11.31 6.23 5.19
C GLY A 37 11.80 5.71 3.84
N GLU A 38 11.77 6.57 2.83
CA GLU A 38 12.22 6.19 1.49
C GLU A 38 12.66 7.42 0.70
N LYS A 39 13.86 7.36 0.14
CA LYS A 39 14.40 8.47 -0.64
C LYS A 39 13.38 8.94 -1.67
N PRO A 40 13.28 10.27 -1.84
CA PRO A 40 12.35 10.88 -2.80
C PRO A 40 12.77 10.63 -4.24
N SER A 41 11.82 10.84 -5.15
CA SER A 41 12.09 10.63 -6.58
C SER A 41 13.11 11.65 -7.10
N GLY A 42 12.93 12.90 -6.70
CA GLY A 42 13.84 13.95 -7.14
C GLY A 42 13.98 15.06 -6.11
N PRO A 43 15.19 15.64 -6.03
CA PRO A 43 15.47 16.73 -5.09
C PRO A 43 14.76 18.02 -5.45
N SER A 44 13.55 18.20 -4.94
CA SER A 44 12.76 19.39 -5.22
C SER A 44 13.51 20.64 -4.78
N SER A 45 13.73 21.55 -5.72
CA SER A 45 14.44 22.80 -5.44
C SER A 45 13.45 23.94 -5.23
N GLY A 46 13.33 24.40 -3.98
CA GLY A 46 12.42 25.49 -3.67
C GLY A 46 13.11 26.83 -3.70
ZN ZN B . 1.13 2.45 0.78
N GLY A 1 2.06 -2.72 -6.26
CA GLY A 1 3.28 -2.49 -7.03
C GLY A 1 3.58 -3.63 -7.98
N SER A 2 4.52 -4.48 -7.60
CA SER A 2 4.91 -5.61 -8.44
C SER A 2 3.70 -6.46 -8.79
N SER A 3 3.61 -6.86 -10.06
CA SER A 3 2.50 -7.68 -10.52
C SER A 3 2.05 -8.66 -9.44
N GLY A 4 0.85 -8.46 -8.92
CA GLY A 4 0.32 -9.33 -7.88
C GLY A 4 -0.97 -8.81 -7.29
N SER A 5 -2.07 -9.02 -8.01
CA SER A 5 -3.38 -8.57 -7.54
C SER A 5 -4.24 -9.75 -7.11
N SER A 6 -5.43 -9.45 -6.60
CA SER A 6 -6.35 -10.48 -6.15
C SER A 6 -7.37 -10.83 -7.23
N GLY A 7 -8.11 -11.91 -7.03
CA GLY A 7 -9.10 -12.32 -7.99
C GLY A 7 -10.49 -11.82 -7.64
N THR A 8 -10.98 -12.19 -6.46
CA THR A 8 -12.30 -11.78 -6.01
C THR A 8 -12.22 -11.04 -4.68
N GLY A 9 -13.32 -10.41 -4.29
CA GLY A 9 -13.36 -9.67 -3.04
C GLY A 9 -12.27 -8.62 -2.95
N GLU A 10 -11.83 -8.32 -1.73
CA GLU A 10 -10.78 -7.33 -1.51
C GLU A 10 -10.27 -7.38 -0.08
N LYS A 11 -8.95 -7.26 0.08
CA LYS A 11 -8.33 -7.29 1.39
C LYS A 11 -9.11 -6.44 2.38
N PRO A 12 -9.18 -6.89 3.65
CA PRO A 12 -9.88 -6.18 4.71
C PRO A 12 -9.17 -4.89 5.12
N TYR A 13 -7.85 -4.93 5.12
CA TYR A 13 -7.04 -3.77 5.48
C TYR A 13 -6.13 -3.35 4.34
N LYS A 14 -6.34 -2.14 3.84
CA LYS A 14 -5.54 -1.60 2.74
C LYS A 14 -4.96 -0.25 3.10
N CYS A 15 -3.81 0.08 2.50
CA CYS A 15 -3.16 1.36 2.75
C CYS A 15 -3.98 2.52 2.20
N GLU A 16 -3.86 3.67 2.85
CA GLU A 16 -4.60 4.86 2.43
C GLU A 16 -3.71 5.78 1.60
N GLU A 17 -2.40 5.74 1.87
CA GLU A 17 -1.46 6.58 1.15
C GLU A 17 -1.40 6.18 -0.32
N CYS A 18 -1.36 4.88 -0.58
CA CYS A 18 -1.29 4.38 -1.95
C CYS A 18 -2.27 3.22 -2.15
N GLY A 19 -2.38 2.38 -1.13
CA GLY A 19 -3.29 1.25 -1.20
C GLY A 19 -2.60 -0.01 -1.71
N LYS A 20 -2.02 -0.79 -0.80
CA LYS A 20 -1.33 -2.01 -1.17
C LYS A 20 -2.21 -3.23 -0.92
N GLY A 21 -2.87 -3.26 0.24
CA GLY A 21 -3.73 -4.37 0.58
C GLY A 21 -3.02 -5.43 1.40
N PHE A 22 -3.58 -5.75 2.57
CA PHE A 22 -2.99 -6.74 3.45
C PHE A 22 -4.08 -7.55 4.16
N ILE A 23 -3.68 -8.65 4.79
CA ILE A 23 -4.62 -9.51 5.50
C ILE A 23 -4.66 -9.16 6.99
N CYS A 24 -3.49 -9.02 7.59
CA CYS A 24 -3.39 -8.69 9.00
C CYS A 24 -2.99 -7.23 9.19
N ARG A 25 -3.73 -6.52 10.03
CA ARG A 25 -3.45 -5.11 10.29
C ARG A 25 -1.97 -4.90 10.59
N ARG A 26 -1.40 -5.78 11.40
CA ARG A 26 0.01 -5.69 11.76
C ARG A 26 0.87 -5.52 10.52
N ASP A 27 0.55 -6.26 9.47
CA ASP A 27 1.31 -6.19 8.23
C ASP A 27 1.17 -4.80 7.59
N LEU A 28 -0.05 -4.28 7.58
CA LEU A 28 -0.31 -2.97 7.00
C LEU A 28 0.61 -1.91 7.61
N TYR A 29 0.51 -1.74 8.93
CA TYR A 29 1.34 -0.76 9.63
C TYR A 29 2.79 -0.84 9.17
N THR A 30 3.31 -2.06 9.08
CA THR A 30 4.69 -2.26 8.64
C THR A 30 4.97 -1.56 7.32
N HIS A 31 4.13 -1.84 6.33
CA HIS A 31 4.29 -1.24 5.01
C HIS A 31 4.54 0.27 5.13
N HIS A 32 3.72 0.94 5.94
CA HIS A 32 3.86 2.37 6.15
C HIS A 32 5.32 2.78 6.18
N MET A 33 6.16 1.92 6.74
CA MET A 33 7.59 2.19 6.84
C MET A 33 8.10 2.85 5.57
N VAL A 34 7.79 2.26 4.42
CA VAL A 34 8.22 2.78 3.14
C VAL A 34 7.71 4.21 2.93
N HIS A 35 6.49 4.46 3.41
CA HIS A 35 5.89 5.79 3.27
C HIS A 35 6.64 6.81 4.12
N THR A 36 7.10 6.38 5.28
CA THR A 36 7.83 7.25 6.20
C THR A 36 9.25 7.49 5.70
N GLY A 37 9.80 6.52 4.98
CA GLY A 37 11.15 6.65 4.46
C GLY A 37 11.21 6.51 2.96
N GLU A 38 10.84 7.58 2.26
CA GLU A 38 10.84 7.57 0.80
C GLU A 38 11.07 8.98 0.25
N LYS A 39 11.21 9.08 -1.07
CA LYS A 39 11.42 10.37 -1.72
C LYS A 39 10.17 10.79 -2.49
N PRO A 40 9.23 11.42 -1.78
CA PRO A 40 7.97 11.89 -2.38
C PRO A 40 8.20 13.08 -3.32
N SER A 41 9.45 13.46 -3.50
CA SER A 41 9.79 14.59 -4.36
C SER A 41 11.31 14.65 -4.60
N GLY A 42 11.69 14.80 -5.87
CA GLY A 42 13.10 14.87 -6.21
C GLY A 42 13.47 13.92 -7.33
N PRO A 43 14.56 14.23 -8.03
CA PRO A 43 15.06 13.42 -9.14
C PRO A 43 15.61 12.07 -8.68
N SER A 44 14.76 11.05 -8.66
CA SER A 44 15.16 9.72 -8.24
C SER A 44 14.97 8.71 -9.37
N SER A 45 15.33 9.10 -10.58
CA SER A 45 15.20 8.22 -11.74
C SER A 45 13.86 7.49 -11.71
N GLY A 46 12.80 8.21 -11.35
CA GLY A 46 11.49 7.61 -11.30
C GLY A 46 10.40 8.63 -11.01
ZN ZN B . 1.01 2.71 0.88
N GLY A 1 -3.81 2.82 -19.27
CA GLY A 1 -4.00 1.40 -19.41
C GLY A 1 -4.10 0.69 -18.08
N SER A 2 -3.30 -0.36 -17.89
CA SER A 2 -3.32 -1.12 -16.65
C SER A 2 -2.21 -0.67 -15.72
N SER A 3 -2.00 0.64 -15.63
CA SER A 3 -0.97 1.20 -14.78
C SER A 3 -1.08 0.67 -13.35
N GLY A 4 -2.29 0.74 -12.80
CA GLY A 4 -2.51 0.26 -11.45
C GLY A 4 -3.15 -1.13 -11.41
N SER A 5 -2.66 -1.99 -10.52
CA SER A 5 -3.18 -3.34 -10.41
C SER A 5 -4.13 -3.46 -9.21
N SER A 6 -5.13 -4.31 -9.34
CA SER A 6 -6.11 -4.51 -8.27
C SER A 6 -5.79 -5.77 -7.48
N GLY A 7 -5.55 -6.88 -8.19
CA GLY A 7 -5.23 -8.13 -7.54
C GLY A 7 -6.35 -9.14 -7.66
N THR A 8 -6.20 -10.28 -6.98
CA THR A 8 -7.20 -11.33 -7.03
C THR A 8 -7.96 -11.43 -5.71
N GLY A 9 -9.10 -10.75 -5.63
CA GLY A 9 -9.89 -10.77 -4.42
C GLY A 9 -9.96 -9.42 -3.75
N GLU A 10 -10.46 -9.40 -2.51
CA GLU A 10 -10.58 -8.15 -1.76
C GLU A 10 -9.98 -8.30 -0.36
N LYS A 11 -9.08 -7.39 -0.01
CA LYS A 11 -8.44 -7.42 1.30
C LYS A 11 -9.13 -6.47 2.26
N PRO A 12 -9.20 -6.87 3.54
CA PRO A 12 -9.83 -6.06 4.60
C PRO A 12 -9.03 -4.80 4.92
N TYR A 13 -7.71 -4.96 5.03
CA TYR A 13 -6.84 -3.84 5.34
C TYR A 13 -6.21 -3.27 4.08
N LYS A 14 -6.35 -1.97 3.89
CA LYS A 14 -5.78 -1.29 2.72
C LYS A 14 -5.00 -0.06 3.13
N CYS A 15 -3.97 0.26 2.36
CA CYS A 15 -3.13 1.43 2.63
C CYS A 15 -3.78 2.70 2.10
N GLU A 16 -3.76 3.76 2.91
CA GLU A 16 -4.34 5.04 2.51
C GLU A 16 -3.28 5.95 1.91
N GLU A 17 -2.10 5.41 1.66
CA GLU A 17 -1.00 6.18 1.09
C GLU A 17 -0.79 5.82 -0.38
N CYS A 18 -0.83 4.53 -0.68
CA CYS A 18 -0.63 4.05 -2.04
C CYS A 18 -1.83 3.23 -2.51
N GLY A 19 -2.36 2.42 -1.60
CA GLY A 19 -3.51 1.59 -1.93
C GLY A 19 -3.14 0.12 -2.06
N LYS A 20 -2.51 -0.42 -1.03
CA LYS A 20 -2.10 -1.82 -1.03
C LYS A 20 -2.97 -2.64 -0.08
N GLY A 21 -3.36 -3.84 -0.53
CA GLY A 21 -4.19 -4.70 0.29
C GLY A 21 -3.36 -5.64 1.16
N PHE A 22 -3.84 -5.87 2.37
CA PHE A 22 -3.14 -6.76 3.31
C PHE A 22 -4.12 -7.63 4.07
N ILE A 23 -3.60 -8.63 4.78
CA ILE A 23 -4.44 -9.54 5.54
C ILE A 23 -4.36 -9.22 7.04
N CYS A 24 -3.16 -9.23 7.58
CA CYS A 24 -2.95 -8.93 8.99
C CYS A 24 -2.87 -7.43 9.24
N ARG A 25 -3.41 -6.98 10.36
CA ARG A 25 -3.39 -5.56 10.70
C ARG A 25 -1.96 -5.08 10.96
N ARG A 26 -1.17 -5.93 11.61
CA ARG A 26 0.22 -5.58 11.92
C ARG A 26 0.99 -5.29 10.64
N ASP A 27 0.96 -6.22 9.69
CA ASP A 27 1.67 -6.05 8.43
C ASP A 27 1.41 -4.67 7.84
N LEU A 28 0.14 -4.32 7.70
CA LEU A 28 -0.25 -3.03 7.16
C LEU A 28 0.63 -1.91 7.71
N TYR A 29 0.68 -1.81 9.03
CA TYR A 29 1.48 -0.80 9.69
C TYR A 29 2.94 -0.87 9.24
N THR A 30 3.50 -2.07 9.28
CA THR A 30 4.89 -2.28 8.86
C THR A 30 5.14 -1.72 7.47
N HIS A 31 4.16 -1.91 6.58
CA HIS A 31 4.28 -1.43 5.21
C HIS A 31 4.40 0.09 5.17
N HIS A 32 3.74 0.75 6.12
CA HIS A 32 3.77 2.20 6.20
C HIS A 32 5.21 2.73 6.18
N MET A 33 6.13 1.91 6.69
CA MET A 33 7.54 2.29 6.72
C MET A 33 7.98 2.87 5.38
N VAL A 34 7.32 2.44 4.31
CA VAL A 34 7.65 2.92 2.97
C VAL A 34 7.28 4.39 2.81
N HIS A 35 6.16 4.79 3.42
CA HIS A 35 5.70 6.16 3.35
C HIS A 35 6.18 6.96 4.54
N THR A 36 7.27 6.50 5.15
CA THR A 36 7.84 7.18 6.32
C THR A 36 9.28 7.61 6.05
N GLY A 37 9.97 6.86 5.21
CA GLY A 37 11.35 7.19 4.89
C GLY A 37 11.46 7.97 3.60
N GLU A 38 12.69 8.15 3.12
CA GLU A 38 12.94 8.90 1.90
C GLU A 38 12.22 8.25 0.71
N LYS A 39 12.30 8.90 -0.45
CA LYS A 39 11.66 8.39 -1.65
C LYS A 39 12.67 8.21 -2.78
N PRO A 40 12.51 7.14 -3.56
CA PRO A 40 13.41 6.84 -4.68
C PRO A 40 13.25 7.83 -5.83
N SER A 41 14.27 7.92 -6.68
CA SER A 41 14.24 8.83 -7.82
C SER A 41 12.97 8.62 -8.65
N GLY A 42 12.37 9.72 -9.07
CA GLY A 42 11.16 9.64 -9.87
C GLY A 42 10.20 8.57 -9.37
N PRO A 43 9.40 8.91 -8.35
CA PRO A 43 8.43 7.99 -7.76
C PRO A 43 7.27 7.70 -8.70
N SER A 44 6.90 6.42 -8.81
CA SER A 44 5.81 6.01 -9.67
C SER A 44 4.50 6.64 -9.23
N SER A 45 4.05 7.65 -9.97
CA SER A 45 2.81 8.34 -9.66
C SER A 45 1.72 7.35 -9.25
N GLY A 46 0.70 7.86 -8.58
CA GLY A 46 -0.39 7.01 -8.14
C GLY A 46 -1.38 7.74 -7.25
ZN ZN B . 1.26 2.14 1.13
N GLY A 1 14.35 -15.09 -12.90
CA GLY A 1 14.69 -14.87 -11.50
C GLY A 1 13.49 -14.99 -10.59
N SER A 2 12.88 -13.87 -10.26
CA SER A 2 11.72 -13.85 -9.38
C SER A 2 10.56 -13.08 -10.01
N SER A 3 9.36 -13.26 -9.47
CA SER A 3 8.18 -12.58 -9.98
C SER A 3 7.23 -12.23 -8.85
N GLY A 4 6.36 -11.25 -9.10
CA GLY A 4 5.40 -10.84 -8.10
C GLY A 4 4.20 -11.76 -8.02
N SER A 5 3.80 -12.12 -6.80
CA SER A 5 2.67 -13.01 -6.60
C SER A 5 1.41 -12.21 -6.29
N SER A 6 0.25 -12.83 -6.49
CA SER A 6 -1.03 -12.18 -6.24
C SER A 6 -1.89 -13.02 -5.31
N GLY A 7 -2.85 -12.38 -4.65
CA GLY A 7 -3.73 -13.09 -3.74
C GLY A 7 -5.15 -13.17 -4.25
N THR A 8 -5.86 -14.22 -3.87
CA THR A 8 -7.23 -14.41 -4.29
C THR A 8 -8.22 -13.83 -3.28
N GLY A 9 -9.06 -12.92 -3.75
CA GLY A 9 -10.03 -12.29 -2.87
C GLY A 9 -9.59 -10.93 -2.38
N GLU A 10 -10.53 -10.16 -1.85
CA GLU A 10 -10.23 -8.82 -1.35
C GLU A 10 -9.50 -8.90 -0.02
N LYS A 11 -8.96 -7.76 0.42
CA LYS A 11 -8.23 -7.70 1.68
C LYS A 11 -9.01 -6.88 2.71
N PRO A 12 -8.92 -7.29 3.99
CA PRO A 12 -9.61 -6.61 5.08
C PRO A 12 -8.99 -5.25 5.39
N TYR A 13 -7.69 -5.14 5.21
CA TYR A 13 -6.97 -3.89 5.47
C TYR A 13 -6.31 -3.37 4.19
N LYS A 14 -6.61 -2.13 3.84
CA LYS A 14 -6.04 -1.51 2.65
C LYS A 14 -5.30 -0.22 3.00
N CYS A 15 -4.12 -0.04 2.44
CA CYS A 15 -3.32 1.14 2.69
C CYS A 15 -4.06 2.41 2.27
N GLU A 16 -4.14 3.37 3.18
CA GLU A 16 -4.83 4.63 2.90
C GLU A 16 -3.85 5.70 2.41
N GLU A 17 -2.69 5.24 1.93
CA GLU A 17 -1.67 6.15 1.43
C GLU A 17 -1.38 5.90 -0.05
N CYS A 18 -1.33 4.62 -0.41
CA CYS A 18 -1.06 4.23 -1.79
C CYS A 18 -2.07 3.19 -2.27
N GLY A 19 -2.52 2.35 -1.35
CA GLY A 19 -3.49 1.32 -1.71
C GLY A 19 -2.84 0.06 -2.24
N LYS A 20 -2.21 -0.70 -1.34
CA LYS A 20 -1.55 -1.94 -1.73
C LYS A 20 -2.37 -3.16 -1.30
N GLY A 21 -2.97 -3.07 -0.13
CA GLY A 21 -3.79 -4.17 0.38
C GLY A 21 -2.98 -5.15 1.19
N PHE A 22 -3.49 -5.49 2.38
CA PHE A 22 -2.80 -6.43 3.27
C PHE A 22 -3.81 -7.32 3.99
N ILE A 23 -3.35 -8.49 4.42
CA ILE A 23 -4.21 -9.44 5.13
C ILE A 23 -4.25 -9.12 6.62
N CYS A 24 -3.08 -9.08 7.25
CA CYS A 24 -2.99 -8.79 8.67
C CYS A 24 -3.00 -7.28 8.92
N ARG A 25 -3.44 -6.89 10.12
CA ARG A 25 -3.50 -5.48 10.49
C ARG A 25 -2.10 -4.93 10.74
N ARG A 26 -1.24 -5.74 11.31
CA ARG A 26 0.12 -5.34 11.62
C ARG A 26 0.90 -5.05 10.33
N ASP A 27 0.67 -5.87 9.32
CA ASP A 27 1.35 -5.71 8.04
C ASP A 27 1.04 -4.35 7.42
N LEU A 28 -0.20 -3.90 7.60
CA LEU A 28 -0.63 -2.61 7.06
C LEU A 28 0.27 -1.48 7.56
N TYR A 29 0.40 -1.39 8.89
CA TYR A 29 1.22 -0.35 9.49
C TYR A 29 2.69 -0.55 9.12
N THR A 30 3.14 -1.81 9.11
CA THR A 30 4.51 -2.13 8.77
C THR A 30 4.88 -1.61 7.39
N HIS A 31 3.91 -1.62 6.48
CA HIS A 31 4.14 -1.15 5.12
C HIS A 31 4.47 0.34 5.11
N HIS A 32 3.86 1.09 6.03
CA HIS A 32 4.09 2.52 6.12
C HIS A 32 5.57 2.82 6.36
N MET A 33 6.29 1.85 6.89
CA MET A 33 7.71 2.01 7.15
C MET A 33 8.43 2.61 5.95
N VAL A 34 8.11 2.10 4.76
CA VAL A 34 8.72 2.58 3.53
C VAL A 34 8.15 3.93 3.13
N HIS A 35 6.88 4.15 3.45
CA HIS A 35 6.20 5.40 3.12
C HIS A 35 6.86 6.57 3.85
N THR A 36 7.30 6.32 5.07
CA THR A 36 7.95 7.35 5.87
C THR A 36 9.47 7.21 5.85
N GLY A 37 9.93 6.05 5.42
CA GLY A 37 11.37 5.80 5.35
C GLY A 37 11.96 6.29 4.04
N GLU A 38 13.26 6.62 4.07
CA GLU A 38 13.95 7.10 2.88
C GLU A 38 15.13 6.20 2.53
N LYS A 39 15.13 5.00 3.11
CA LYS A 39 16.19 4.04 2.85
C LYS A 39 16.40 3.82 1.36
N PRO A 40 17.66 3.74 0.94
CA PRO A 40 18.02 3.53 -0.47
C PRO A 40 17.66 2.13 -0.96
N SER A 41 18.09 1.12 -0.21
CA SER A 41 17.82 -0.26 -0.57
C SER A 41 18.06 -1.19 0.62
N GLY A 42 17.26 -2.25 0.71
CA GLY A 42 17.41 -3.20 1.80
C GLY A 42 18.59 -4.13 1.61
N PRO A 43 18.55 -5.29 2.28
CA PRO A 43 19.61 -6.29 2.20
C PRO A 43 19.65 -6.97 0.84
N SER A 44 18.77 -6.56 -0.06
CA SER A 44 18.70 -7.13 -1.39
C SER A 44 20.09 -7.51 -1.90
N SER A 45 21.03 -6.56 -1.80
CA SER A 45 22.39 -6.78 -2.25
C SER A 45 22.41 -7.55 -3.57
N GLY A 46 21.59 -7.11 -4.51
CA GLY A 46 21.54 -7.77 -5.81
C GLY A 46 20.25 -8.54 -6.01
ZN ZN B . 1.02 2.45 1.14
N GLY A 1 -4.99 6.68 -14.04
CA GLY A 1 -4.38 5.69 -13.18
C GLY A 1 -5.39 4.76 -12.54
N SER A 2 -5.77 3.71 -13.27
CA SER A 2 -6.75 2.75 -12.77
C SER A 2 -6.13 1.35 -12.68
N SER A 3 -5.67 1.00 -11.49
CA SER A 3 -5.06 -0.31 -11.27
C SER A 3 -5.74 -1.38 -12.10
N GLY A 4 -7.07 -1.34 -12.13
CA GLY A 4 -7.82 -2.32 -12.89
C GLY A 4 -9.09 -2.77 -12.18
N SER A 5 -10.17 -2.93 -12.93
CA SER A 5 -11.44 -3.36 -12.36
C SER A 5 -11.44 -4.86 -12.11
N SER A 6 -10.83 -5.28 -11.00
CA SER A 6 -10.76 -6.68 -10.64
C SER A 6 -10.12 -6.87 -9.28
N GLY A 7 -10.15 -8.10 -8.78
CA GLY A 7 -9.58 -8.39 -7.47
C GLY A 7 -10.15 -9.65 -6.85
N THR A 8 -9.37 -10.72 -6.89
CA THR A 8 -9.81 -11.99 -6.33
C THR A 8 -9.90 -11.93 -4.81
N GLY A 9 -11.04 -11.45 -4.31
CA GLY A 9 -11.23 -11.33 -2.88
C GLY A 9 -10.54 -10.12 -2.29
N GLU A 10 -11.28 -9.02 -2.15
CA GLU A 10 -10.73 -7.79 -1.60
C GLU A 10 -10.00 -8.05 -0.28
N LYS A 11 -9.26 -7.07 0.19
CA LYS A 11 -8.52 -7.19 1.44
C LYS A 11 -9.24 -6.48 2.57
N PRO A 12 -9.17 -7.07 3.78
CA PRO A 12 -9.81 -6.51 4.98
C PRO A 12 -9.14 -5.22 5.45
N TYR A 13 -7.86 -5.08 5.13
CA TYR A 13 -7.09 -3.90 5.53
C TYR A 13 -6.24 -3.39 4.37
N LYS A 14 -6.58 -2.20 3.88
CA LYS A 14 -5.85 -1.59 2.77
C LYS A 14 -5.18 -0.30 3.21
N CYS A 15 -4.11 0.07 2.51
CA CYS A 15 -3.38 1.30 2.83
C CYS A 15 -4.12 2.52 2.29
N GLU A 16 -3.78 3.69 2.82
CA GLU A 16 -4.40 4.93 2.39
C GLU A 16 -3.46 5.73 1.49
N GLU A 17 -2.17 5.66 1.79
CA GLU A 17 -1.17 6.37 1.00
C GLU A 17 -1.12 5.85 -0.43
N CYS A 18 -1.02 4.54 -0.57
CA CYS A 18 -0.96 3.92 -1.90
C CYS A 18 -2.12 2.93 -2.08
N GLY A 19 -2.51 2.27 -0.99
CA GLY A 19 -3.59 1.32 -1.05
C GLY A 19 -3.21 0.05 -1.78
N LYS A 20 -2.23 -0.67 -1.25
CA LYS A 20 -1.76 -1.91 -1.87
C LYS A 20 -2.66 -3.08 -1.47
N GLY A 21 -3.07 -3.11 -0.20
CA GLY A 21 -3.93 -4.18 0.26
C GLY A 21 -3.17 -5.21 1.07
N PHE A 22 -3.67 -5.53 2.26
CA PHE A 22 -3.03 -6.51 3.13
C PHE A 22 -4.07 -7.38 3.82
N ILE A 23 -3.65 -8.56 4.27
CA ILE A 23 -4.54 -9.49 4.96
C ILE A 23 -4.64 -9.16 6.44
N CYS A 24 -3.48 -9.00 7.09
CA CYS A 24 -3.43 -8.69 8.50
C CYS A 24 -3.16 -7.21 8.73
N ARG A 25 -3.20 -6.79 9.98
CA ARG A 25 -2.96 -5.39 10.34
C ARG A 25 -1.46 -5.09 10.40
N ARG A 26 -0.74 -5.90 11.16
CA ARG A 26 0.70 -5.74 11.31
C ARG A 26 1.34 -5.31 10.00
N ASP A 27 1.03 -6.03 8.93
CA ASP A 27 1.56 -5.73 7.60
C ASP A 27 1.21 -4.30 7.19
N LEU A 28 -0.02 -3.89 7.48
CA LEU A 28 -0.47 -2.55 7.13
C LEU A 28 0.32 -1.49 7.89
N TYR A 29 0.31 -1.58 9.22
CA TYR A 29 1.03 -0.63 10.06
C TYR A 29 2.52 -0.61 9.69
N THR A 30 3.11 -1.80 9.59
CA THR A 30 4.52 -1.91 9.26
C THR A 30 4.82 -1.31 7.89
N HIS A 31 3.93 -1.57 6.94
CA HIS A 31 4.09 -1.05 5.57
C HIS A 31 4.34 0.45 5.59
N HIS A 32 3.58 1.16 6.42
CA HIS A 32 3.72 2.61 6.53
C HIS A 32 5.20 3.01 6.52
N MET A 33 6.05 2.09 6.94
CA MET A 33 7.49 2.35 6.98
C MET A 33 8.01 2.77 5.61
N VAL A 34 7.76 1.93 4.61
CA VAL A 34 8.20 2.22 3.25
C VAL A 34 7.66 3.56 2.76
N HIS A 35 6.68 4.09 3.49
CA HIS A 35 6.08 5.38 3.13
C HIS A 35 6.79 6.52 3.85
N THR A 36 7.28 6.25 5.06
CA THR A 36 7.97 7.26 5.85
C THR A 36 9.48 7.03 5.83
N GLY A 37 9.96 6.35 4.80
CA GLY A 37 11.38 6.07 4.68
C GLY A 37 11.97 6.62 3.39
N GLU A 38 11.68 5.96 2.28
CA GLU A 38 12.19 6.38 0.98
C GLU A 38 11.32 7.49 0.39
N LYS A 39 11.96 8.55 -0.09
CA LYS A 39 11.25 9.68 -0.68
C LYS A 39 10.35 9.22 -1.83
N PRO A 40 9.11 9.72 -1.86
CA PRO A 40 8.15 9.38 -2.90
C PRO A 40 8.51 9.96 -4.26
N SER A 41 9.05 9.12 -5.13
CA SER A 41 9.45 9.55 -6.46
C SER A 41 8.37 9.26 -7.48
N GLY A 42 7.12 9.53 -7.10
CA GLY A 42 6.00 9.29 -8.01
C GLY A 42 4.98 10.40 -7.98
N PRO A 43 3.94 10.24 -7.14
CA PRO A 43 2.88 11.24 -7.01
C PRO A 43 3.36 12.51 -6.33
N SER A 44 2.58 13.58 -6.47
CA SER A 44 2.93 14.87 -5.86
C SER A 44 2.27 15.02 -4.49
N SER A 45 2.77 15.97 -3.71
CA SER A 45 2.23 16.22 -2.38
C SER A 45 2.78 17.52 -1.81
N GLY A 46 2.21 17.97 -0.69
CA GLY A 46 2.65 19.20 -0.06
C GLY A 46 4.06 19.09 0.47
ZN ZN B . 0.89 2.47 1.28
N GLY A 1 -1.94 2.42 -20.51
CA GLY A 1 -2.75 1.28 -20.88
C GLY A 1 -2.43 0.04 -20.05
N SER A 2 -3.03 -0.04 -18.87
CA SER A 2 -2.80 -1.17 -17.98
C SER A 2 -3.80 -2.29 -18.24
N SER A 3 -3.31 -3.53 -18.22
CA SER A 3 -4.17 -4.69 -18.47
C SER A 3 -4.18 -5.61 -17.25
N GLY A 4 -5.32 -5.66 -16.57
CA GLY A 4 -5.44 -6.51 -15.40
C GLY A 4 -6.28 -7.75 -15.67
N SER A 5 -7.37 -7.90 -14.94
CA SER A 5 -8.25 -9.05 -15.10
C SER A 5 -7.46 -10.35 -14.95
N SER A 6 -6.61 -10.41 -13.94
CA SER A 6 -5.79 -11.60 -13.69
C SER A 6 -6.01 -12.13 -12.28
N GLY A 7 -7.28 -12.16 -11.86
CA GLY A 7 -7.61 -12.65 -10.53
C GLY A 7 -8.66 -11.79 -9.84
N THR A 8 -9.42 -12.41 -8.95
CA THR A 8 -10.47 -11.69 -8.22
C THR A 8 -10.30 -11.87 -6.71
N GLY A 9 -10.68 -10.84 -5.96
CA GLY A 9 -10.57 -10.90 -4.51
C GLY A 9 -9.91 -9.67 -3.94
N GLU A 10 -10.70 -8.81 -3.29
CA GLU A 10 -10.18 -7.59 -2.68
C GLU A 10 -9.94 -7.78 -1.18
N LYS A 11 -8.72 -7.48 -0.74
CA LYS A 11 -8.36 -7.61 0.66
C LYS A 11 -9.19 -6.67 1.53
N PRO A 12 -9.49 -7.11 2.76
CA PRO A 12 -10.28 -6.33 3.72
C PRO A 12 -9.52 -5.11 4.23
N TYR A 13 -8.20 -5.21 4.25
CA TYR A 13 -7.36 -4.12 4.72
C TYR A 13 -6.67 -3.41 3.56
N LYS A 14 -6.77 -2.08 3.53
CA LYS A 14 -6.16 -1.30 2.46
C LYS A 14 -5.37 -0.12 3.04
N CYS A 15 -4.31 0.27 2.36
CA CYS A 15 -3.48 1.37 2.81
C CYS A 15 -4.04 2.70 2.32
N GLU A 16 -3.86 3.75 3.12
CA GLU A 16 -4.34 5.08 2.76
C GLU A 16 -3.34 5.80 1.87
N GLU A 17 -2.06 5.60 2.15
CA GLU A 17 -1.00 6.24 1.38
C GLU A 17 -1.07 5.83 -0.09
N CYS A 18 -0.95 4.53 -0.35
CA CYS A 18 -1.01 4.02 -1.70
C CYS A 18 -2.19 3.06 -1.87
N GLY A 19 -2.48 2.31 -0.82
CA GLY A 19 -3.59 1.36 -0.87
C GLY A 19 -3.26 0.14 -1.70
N LYS A 20 -2.49 -0.78 -1.13
CA LYS A 20 -2.11 -2.01 -1.83
C LYS A 20 -3.04 -3.16 -1.47
N GLY A 21 -3.12 -3.46 -0.18
CA GLY A 21 -3.97 -4.54 0.27
C GLY A 21 -3.28 -5.48 1.24
N PHE A 22 -3.92 -5.73 2.38
CA PHE A 22 -3.34 -6.61 3.40
C PHE A 22 -4.43 -7.41 4.09
N ILE A 23 -4.02 -8.32 4.98
CA ILE A 23 -4.97 -9.16 5.71
C ILE A 23 -4.68 -9.12 7.21
N CYS A 24 -4.08 -8.03 7.66
CA CYS A 24 -3.74 -7.88 9.07
C CYS A 24 -3.25 -6.46 9.36
N ARG A 25 -3.04 -6.16 10.65
CA ARG A 25 -2.58 -4.85 11.05
C ARG A 25 -1.05 -4.79 11.04
N ARG A 26 -0.43 -5.56 11.92
CA ARG A 26 1.03 -5.60 12.02
C ARG A 26 1.67 -5.41 10.65
N ASP A 27 1.25 -6.21 9.68
CA ASP A 27 1.78 -6.14 8.33
C ASP A 27 1.38 -4.83 7.67
N LEU A 28 0.11 -4.45 7.83
CA LEU A 28 -0.40 -3.21 7.24
C LEU A 28 0.41 -2.02 7.71
N TYR A 29 0.46 -1.81 9.02
CA TYR A 29 1.20 -0.70 9.58
C TYR A 29 2.65 -0.71 9.14
N THR A 30 3.37 -1.77 9.52
CA THR A 30 4.77 -1.92 9.15
C THR A 30 5.04 -1.33 7.77
N HIS A 31 4.26 -1.76 6.78
CA HIS A 31 4.42 -1.27 5.42
C HIS A 31 4.59 0.25 5.41
N HIS A 32 3.68 0.95 6.06
CA HIS A 32 3.73 2.41 6.13
C HIS A 32 5.18 2.90 6.16
N MET A 33 6.04 2.12 6.80
CA MET A 33 7.45 2.48 6.91
C MET A 33 7.99 2.98 5.58
N VAL A 34 7.73 2.21 4.52
CA VAL A 34 8.19 2.57 3.18
C VAL A 34 7.76 3.99 2.82
N HIS A 35 6.61 4.41 3.33
CA HIS A 35 6.09 5.74 3.06
C HIS A 35 6.84 6.79 3.88
N THR A 36 7.26 6.40 5.07
CA THR A 36 7.99 7.30 5.96
C THR A 36 9.50 7.18 5.76
N GLY A 37 9.90 6.73 4.56
CA GLY A 37 11.31 6.58 4.28
C GLY A 37 11.84 7.68 3.39
N GLU A 38 13.08 7.51 2.91
CA GLU A 38 13.71 8.51 2.05
C GLU A 38 13.35 8.25 0.59
N LYS A 39 12.07 8.00 0.32
CA LYS A 39 11.60 7.75 -1.02
C LYS A 39 11.80 8.97 -1.91
N PRO A 40 12.19 8.73 -3.18
CA PRO A 40 12.44 9.79 -4.16
C PRO A 40 11.14 10.50 -4.58
N SER A 41 10.75 11.52 -3.83
CA SER A 41 9.54 12.27 -4.12
C SER A 41 9.54 12.76 -5.56
N GLY A 42 8.38 13.21 -6.03
CA GLY A 42 8.28 13.71 -7.39
C GLY A 42 7.16 13.02 -8.17
N PRO A 43 7.53 11.98 -8.92
CA PRO A 43 6.58 11.21 -9.72
C PRO A 43 5.61 10.39 -8.87
N SER A 44 4.37 10.30 -9.30
CA SER A 44 3.35 9.54 -8.57
C SER A 44 3.27 8.11 -9.08
N SER A 45 3.94 7.20 -8.39
CA SER A 45 3.95 5.79 -8.78
C SER A 45 2.95 5.00 -7.94
N GLY A 46 2.55 3.83 -8.46
CA GLY A 46 1.60 3.00 -7.74
C GLY A 46 2.05 1.55 -7.66
ZN ZN B . 0.96 2.29 1.23
#